data_3TWO
#
_entry.id   3TWO
#
_cell.length_a   85.410
_cell.length_b   85.680
_cell.length_c   100.491
_cell.angle_alpha   90.00
_cell.angle_beta   90.00
_cell.angle_gamma   90.00
#
_symmetry.space_group_name_H-M   'P 21 21 21'
#
loop_
_entity.id
_entity.type
_entity.pdbx_description
1 polymer 'Mannitol dehydrogenase'
2 non-polymer 'NADPH DIHYDRO-NICOTINAMIDE-ADENINE-DINUCLEOTIDE PHOSPHATE'
3 non-polymer 'ZINC ION'
4 water water
#
_entity_poly.entity_id   1
_entity_poly.type   'polypeptide(L)'
_entity_poly.pdbx_seq_one_letter_code
;MRVQSKGFAIFSKDEHFKPHDFSRHAVGPRDVLIDILYAGICHSDIHSAYSEWKEGIYPMIPGHEIAGIIKEVGKGVKKF
KIGDVVGVGCFVNSCKACKPCKEHQEQFCTKVVFTYDCLDSFHDNEPHMGGYSNNIVVDENYVISVDKNAPLEKVAPLLC
AGITTYSPLKFSKVTKGTKVGVAGFGGLGSMAVKYAVAMGAEVSVFARNEHKKQDALSMGVKHFYTDPKQCKEELDFIIS
TIPTHYDLKDYLKLLTYNGDLALVGLPPVEVAPVLSVFDFIHLGNRKVYGSLIGGIKETQEMVDFSIKHNIYPEIDLILG
KDIDTAYHNLTHGKAKFRYVIDMKKSFD
;
_entity_poly.pdbx_strand_id   A,B
#
# COMPACT_ATOMS: atom_id res chain seq x y z
N MET A 1 23.24 -41.33 11.08
CA MET A 1 21.97 -42.10 11.34
C MET A 1 20.74 -41.18 11.34
N ARG A 2 19.83 -41.39 10.38
CA ARG A 2 18.60 -40.59 10.27
C ARG A 2 17.78 -40.69 11.56
N VAL A 3 17.09 -39.64 11.90
CA VAL A 3 16.22 -39.68 13.08
C VAL A 3 14.84 -40.27 12.68
N GLN A 4 14.35 -41.20 13.49
CA GLN A 4 13.02 -41.83 13.32
C GLN A 4 11.93 -40.98 13.98
N SER A 5 10.79 -40.84 13.34
CA SER A 5 9.73 -39.94 13.80
C SER A 5 8.38 -40.55 13.44
N LYS A 6 7.33 -40.02 14.06
CA LYS A 6 5.96 -40.27 13.65
C LYS A 6 5.13 -39.00 13.90
N GLY A 7 4.06 -38.84 13.12
CA GLY A 7 3.10 -37.79 13.36
C GLY A 7 1.85 -38.00 12.54
N PHE A 8 1.32 -36.90 12.06
CA PHE A 8 0.01 -36.91 11.44
C PHE A 8 0.13 -36.23 10.10
N ALA A 9 -0.02 -37.04 9.06
CA ALA A 9 0.20 -36.57 7.70
C ALA A 9 -1.10 -36.49 6.83
N ILE A 10 -1.16 -35.52 5.92
CA ILE A 10 -2.17 -35.53 4.86
C ILE A 10 -1.51 -35.97 3.50
N PHE A 11 -2.17 -36.84 2.77
CA PHE A 11 -1.54 -37.46 1.60
C PHE A 11 -1.96 -36.84 0.28
N SER A 12 -3.06 -36.10 0.28
CA SER A 12 -3.34 -35.16 -0.80
C SER A 12 -4.38 -34.14 -0.36
N LYS A 13 -4.64 -33.15 -1.20
CA LYS A 13 -5.23 -31.89 -0.80
C LYS A 13 -6.69 -32.07 -0.26
N ASP A 14 -7.38 -33.15 -0.65
CA ASP A 14 -8.79 -33.41 -0.31
C ASP A 14 -9.04 -34.57 0.69
N GLU A 15 -7.98 -35.07 1.31
CA GLU A 15 -8.05 -36.23 2.22
C GLU A 15 -8.04 -35.83 3.71
N HIS A 16 -8.31 -36.79 4.59
CA HIS A 16 -8.17 -36.66 6.05
C HIS A 16 -6.73 -36.95 6.47
N PHE A 17 -6.33 -36.45 7.65
CA PHE A 17 -5.05 -36.79 8.25
C PHE A 17 -4.93 -38.25 8.69
N LYS A 18 -3.74 -38.83 8.64
CA LYS A 18 -3.55 -40.25 9.01
C LYS A 18 -2.29 -40.33 9.86
N PRO A 19 -2.21 -41.32 10.78
CA PRO A 19 -0.91 -41.47 11.47
C PRO A 19 0.15 -41.83 10.46
N HIS A 20 1.38 -41.36 10.66
CA HIS A 20 2.42 -41.56 9.64
C HIS A 20 3.80 -41.76 10.34
N ASP A 21 4.51 -42.83 9.98
CA ASP A 21 5.90 -43.03 10.42
C ASP A 21 6.76 -42.45 9.34
N PHE A 22 7.85 -41.79 9.73
CA PHE A 22 8.83 -41.28 8.75
C PHE A 22 10.16 -41.03 9.42
N SER A 23 11.13 -40.56 8.65
CA SER A 23 12.46 -40.28 9.21
C SER A 23 12.91 -38.84 8.87
N ARG A 24 13.85 -38.31 9.62
CA ARG A 24 14.39 -36.96 9.35
C ARG A 24 15.89 -37.04 9.15
N HIS A 25 16.52 -36.02 8.56
CA HIS A 25 18.01 -36.05 8.44
C HIS A 25 18.67 -36.27 9.79
N ALA A 26 19.89 -36.81 9.76
CA ALA A 26 20.65 -37.08 10.99
C ALA A 26 20.93 -35.76 11.73
N VAL A 27 21.31 -35.86 12.99
CA VAL A 27 21.66 -34.69 13.78
C VAL A 27 23.05 -34.27 13.32
N GLY A 28 23.11 -33.20 12.52
CA GLY A 28 24.34 -32.62 12.03
C GLY A 28 25.08 -31.88 13.14
N PRO A 29 26.33 -31.44 12.90
CA PRO A 29 27.09 -30.89 14.05
C PRO A 29 26.55 -29.59 14.69
N ARG A 30 25.84 -28.78 13.89
CA ARG A 30 25.11 -27.60 14.37
C ARG A 30 23.60 -27.81 14.66
N ASP A 31 23.13 -29.04 14.61
CA ASP A 31 21.71 -29.34 14.79
C ASP A 31 21.41 -29.75 16.22
N VAL A 32 20.17 -29.51 16.61
CA VAL A 32 19.62 -30.09 17.80
C VAL A 32 18.43 -31.00 17.47
N LEU A 33 18.28 -32.07 18.24
CA LEU A 33 17.07 -32.90 18.16
C LEU A 33 16.10 -32.46 19.23
N ILE A 34 14.91 -32.08 18.79
CA ILE A 34 13.94 -31.55 19.72
C ILE A 34 12.79 -32.51 19.86
N ASP A 35 12.45 -32.78 21.12
CA ASP A 35 11.28 -33.55 21.49
C ASP A 35 10.06 -32.61 21.57
N ILE A 36 9.07 -32.83 20.73
CA ILE A 36 7.94 -31.88 20.59
C ILE A 36 6.89 -32.17 21.65
N LEU A 37 6.53 -31.15 22.40
CA LEU A 37 5.56 -31.36 23.47
C LEU A 37 4.21 -30.76 23.04
N TYR A 38 4.25 -29.58 22.44
CA TYR A 38 3.02 -28.89 22.04
C TYR A 38 3.19 -28.36 20.64
N ALA A 39 2.15 -28.61 19.83
CA ALA A 39 2.17 -28.18 18.46
C ALA A 39 0.94 -27.31 18.15
N GLY A 40 1.17 -26.01 17.93
CA GLY A 40 0.06 -25.09 17.62
C GLY A 40 -0.50 -25.36 16.23
N ILE A 41 -1.81 -25.24 16.04
CA ILE A 41 -2.35 -25.28 14.68
C ILE A 41 -2.61 -23.86 14.14
N CYS A 42 -2.03 -23.58 12.97
CA CYS A 42 -2.15 -22.29 12.30
C CYS A 42 -3.04 -22.43 11.07
N HIS A 43 -3.85 -21.41 10.75
CA HIS A 43 -4.59 -21.50 9.49
C HIS A 43 -3.65 -21.71 8.26
N SER A 44 -2.39 -21.22 8.33
CA SER A 44 -1.45 -21.51 7.24
C SER A 44 -1.31 -23.02 7.03
N ASP A 45 -1.40 -23.81 8.10
CA ASP A 45 -1.33 -25.27 7.98
C ASP A 45 -2.44 -25.76 7.06
N ILE A 46 -3.63 -25.16 7.16
CA ILE A 46 -4.80 -25.57 6.39
C ILE A 46 -4.64 -25.15 4.92
N HIS A 47 -4.23 -23.90 4.70
CA HIS A 47 -4.04 -23.41 3.34
C HIS A 47 -3.04 -24.29 2.58
N SER A 48 -1.96 -24.62 3.26
CA SER A 48 -0.96 -25.52 2.69
C SER A 48 -1.52 -26.92 2.51
N ALA A 49 -2.14 -27.46 3.57
CA ALA A 49 -2.66 -28.84 3.51
C ALA A 49 -3.56 -28.96 2.30
N TYR A 50 -4.36 -27.90 2.06
CA TYR A 50 -5.38 -27.97 1.00
C TYR A 50 -4.92 -27.37 -0.32
N SER A 51 -3.64 -27.01 -0.42
CA SER A 51 -3.13 -26.48 -1.70
C SER A 51 -3.91 -25.23 -2.10
N GLU A 52 -4.15 -24.33 -1.12
CA GLU A 52 -4.97 -23.15 -1.39
C GLU A 52 -4.18 -21.98 -1.98
N TRP A 53 -2.84 -22.07 -1.85
CA TRP A 53 -1.90 -21.06 -2.29
C TRP A 53 -1.08 -21.50 -3.49
N LYS A 54 -0.73 -22.79 -3.54
CA LYS A 54 0.15 -23.32 -4.57
C LYS A 54 -0.01 -24.85 -4.56
N GLU A 55 0.71 -25.53 -5.44
CA GLU A 55 0.78 -27.00 -5.41
C GLU A 55 1.49 -27.52 -4.19
N GLY A 56 0.77 -28.21 -3.32
CA GLY A 56 1.38 -28.85 -2.13
C GLY A 56 2.32 -30.03 -2.43
N ILE A 57 3.31 -30.21 -1.56
CA ILE A 57 4.18 -31.40 -1.54
C ILE A 57 3.62 -32.37 -0.48
N TYR A 58 3.21 -33.55 -0.95
CA TYR A 58 2.55 -34.61 -0.17
C TYR A 58 3.42 -35.88 -0.20
N PRO A 59 3.43 -36.68 0.89
CA PRO A 59 2.71 -36.46 2.17
C PRO A 59 3.14 -35.19 2.88
N MET A 60 2.22 -34.50 3.53
CA MET A 60 2.59 -33.31 4.22
C MET A 60 2.25 -33.39 5.71
N ILE A 61 3.18 -32.90 6.50
CA ILE A 61 3.03 -32.80 7.94
C ILE A 61 3.20 -31.33 8.31
N PRO A 62 2.09 -30.58 8.41
CA PRO A 62 2.09 -29.17 8.79
C PRO A 62 2.49 -28.98 10.30
N GLY A 63 2.31 -27.75 10.78
CA GLY A 63 2.69 -27.35 12.16
C GLY A 63 3.96 -26.52 12.13
N HIS A 64 3.84 -25.23 12.47
CA HIS A 64 5.01 -24.39 12.58
C HIS A 64 4.97 -23.53 13.80
N GLU A 65 4.32 -24.10 14.81
CA GLU A 65 4.23 -23.55 16.12
C GLU A 65 4.64 -24.67 17.09
N ILE A 66 5.94 -24.73 17.42
CA ILE A 66 6.44 -25.93 18.08
C ILE A 66 7.06 -25.55 19.39
N ALA A 67 6.58 -26.12 20.50
CA ALA A 67 7.37 -26.00 21.73
C ALA A 67 7.84 -27.39 22.20
N GLY A 68 9.11 -27.46 22.63
CA GLY A 68 9.57 -28.72 23.18
C GLY A 68 10.86 -28.65 23.92
N ILE A 69 11.54 -29.78 23.96
CA ILE A 69 12.73 -29.99 24.79
C ILE A 69 13.86 -30.66 24.00
N ILE A 70 15.04 -30.09 24.12
CA ILE A 70 16.18 -30.62 23.41
C ILE A 70 16.54 -32.00 24.00
N LYS A 71 16.63 -33.00 23.13
CA LYS A 71 16.98 -34.39 23.49
C LYS A 71 18.48 -34.73 23.11
N GLU A 72 19.00 -34.12 22.06
CA GLU A 72 20.39 -34.28 21.63
C GLU A 72 20.89 -33.00 20.98
N VAL A 73 22.22 -32.87 20.96
CA VAL A 73 22.88 -31.75 20.24
C VAL A 73 24.04 -32.32 19.41
N GLY A 74 24.25 -31.79 18.21
CA GLY A 74 25.47 -32.07 17.47
C GLY A 74 26.71 -31.54 18.23
N LYS A 75 27.88 -32.05 17.85
CA LYS A 75 29.08 -31.70 18.58
C LYS A 75 29.54 -30.24 18.45
N GLY A 76 29.03 -29.52 17.45
CA GLY A 76 29.47 -28.15 17.25
C GLY A 76 28.46 -27.13 17.76
N VAL A 77 27.34 -27.63 18.33
CA VAL A 77 26.28 -26.78 18.90
C VAL A 77 26.84 -25.95 20.06
N LYS A 78 26.60 -24.65 20.02
CA LYS A 78 27.18 -23.81 21.03
C LYS A 78 26.18 -23.02 21.84
N LYS A 79 24.93 -22.92 21.37
CA LYS A 79 23.92 -22.18 22.11
C LYS A 79 22.99 -23.00 22.95
N PHE A 80 22.97 -24.33 22.83
CA PHE A 80 21.94 -25.10 23.51
C PHE A 80 22.50 -26.35 24.15
N LYS A 81 21.89 -26.85 25.23
CA LYS A 81 22.37 -28.09 25.88
C LYS A 81 21.18 -29.00 25.94
N ILE A 82 21.42 -30.28 26.24
CA ILE A 82 20.33 -31.21 26.40
C ILE A 82 19.48 -30.73 27.54
N GLY A 83 18.17 -30.78 27.38
CA GLY A 83 17.28 -30.33 28.45
C GLY A 83 16.73 -28.94 28.30
N ASP A 84 17.34 -28.11 27.45
CA ASP A 84 16.81 -26.76 27.22
C ASP A 84 15.42 -26.80 26.61
N VAL A 85 14.59 -25.88 27.05
CA VAL A 85 13.23 -25.75 26.57
C VAL A 85 13.31 -24.71 25.44
N VAL A 86 12.71 -25.03 24.31
CA VAL A 86 12.95 -24.22 23.14
C VAL A 86 11.68 -24.16 22.24
N GLY A 87 11.70 -23.25 21.25
CA GLY A 87 10.63 -23.18 20.24
C GLY A 87 11.16 -23.19 18.82
N VAL A 88 10.32 -23.62 17.86
CA VAL A 88 10.65 -23.58 16.44
C VAL A 88 9.44 -22.98 15.73
N GLY A 89 9.67 -22.08 14.79
CA GLY A 89 8.62 -21.35 14.11
C GLY A 89 8.48 -21.83 12.68
N CYS A 90 8.27 -20.89 11.76
CA CYS A 90 7.89 -21.20 10.38
C CYS A 90 9.04 -21.61 9.44
N PHE A 91 10.28 -21.44 9.89
CA PHE A 91 11.41 -21.86 9.00
C PHE A 91 12.52 -22.45 9.79
N VAL A 92 13.36 -23.27 9.17
CA VAL A 92 14.39 -24.05 9.89
C VAL A 92 15.79 -23.90 9.26
N ASN A 93 15.91 -23.07 8.21
CA ASN A 93 17.21 -22.90 7.62
C ASN A 93 17.18 -21.76 6.61
N SER A 94 18.39 -21.26 6.24
CA SER A 94 18.49 -20.20 5.26
C SER A 94 19.95 -20.12 4.82
N CYS A 95 20.22 -19.23 3.84
CA CYS A 95 21.50 -19.24 3.05
C CYS A 95 22.51 -18.79 4.07
N LYS A 96 22.04 -17.95 4.98
CA LYS A 96 22.91 -17.23 5.83
C LYS A 96 23.74 -16.41 4.85
N ALA A 97 23.48 -16.34 3.49
CA ALA A 97 24.65 -15.49 3.07
C ALA A 97 24.00 -14.41 2.39
N CYS A 98 22.72 -14.61 2.06
CA CYS A 98 22.31 -13.19 1.52
C CYS A 98 22.21 -11.85 2.46
N LYS A 99 21.78 -10.71 1.90
CA LYS A 99 21.39 -9.50 2.70
C LYS A 99 20.16 -9.66 3.66
N PRO A 100 19.04 -10.26 3.20
CA PRO A 100 18.04 -10.56 4.26
C PRO A 100 18.60 -11.41 5.47
N CYS A 101 19.35 -12.47 5.20
CA CYS A 101 19.96 -13.25 6.26
C CYS A 101 20.75 -12.35 7.20
N LYS A 102 21.63 -11.55 6.61
CA LYS A 102 22.59 -10.73 7.39
C LYS A 102 21.83 -9.68 8.19
N GLU A 103 20.70 -9.20 7.70
CA GLU A 103 19.87 -8.23 8.43
C GLU A 103 18.77 -8.85 9.30
N HIS A 104 18.90 -10.14 9.59
CA HIS A 104 18.00 -10.83 10.54
C HIS A 104 16.57 -10.91 10.02
N GLN A 105 16.42 -11.07 8.69
CA GLN A 105 15.12 -11.30 8.05
C GLN A 105 15.21 -12.57 7.19
N GLU A 106 15.54 -13.71 7.81
CA GLU A 106 15.79 -14.95 7.12
C GLU A 106 14.60 -15.43 6.39
N GLN A 107 13.40 -14.99 6.79
CA GLN A 107 12.16 -15.39 6.13
C GLN A 107 12.09 -14.88 4.66
N PHE A 108 12.89 -13.84 4.34
CA PHE A 108 13.00 -13.35 2.97
C PHE A 108 14.20 -13.92 2.19
N CYS A 109 15.04 -14.75 2.81
CA CYS A 109 16.12 -15.43 2.10
C CYS A 109 15.52 -16.21 0.92
N THR A 110 16.12 -16.07 -0.27
CA THR A 110 15.55 -16.80 -1.42
C THR A 110 15.80 -18.29 -1.26
N LYS A 111 16.68 -18.69 -0.33
CA LYS A 111 16.90 -20.11 -0.08
C LYS A 111 16.40 -20.54 1.31
N VAL A 112 15.39 -19.86 1.84
CA VAL A 112 14.80 -20.20 3.11
C VAL A 112 14.21 -21.63 3.08
N VAL A 113 14.38 -22.38 4.19
CA VAL A 113 13.66 -23.67 4.26
C VAL A 113 12.47 -23.55 5.25
N PHE A 114 11.24 -23.54 4.71
CA PHE A 114 10.09 -23.44 5.59
C PHE A 114 9.92 -24.78 6.29
N THR A 115 9.27 -24.76 7.45
CA THR A 115 9.16 -25.94 8.32
C THR A 115 8.44 -27.15 7.72
N TYR A 116 7.55 -26.88 6.76
CA TYR A 116 6.83 -27.97 6.09
C TYR A 116 6.40 -27.47 4.71
N ASP A 117 5.88 -28.38 3.87
CA ASP A 117 5.47 -27.99 2.50
C ASP A 117 6.60 -27.22 1.83
N CYS A 118 7.82 -27.74 1.92
CA CYS A 118 8.97 -27.05 1.33
C CYS A 118 10.15 -28.02 1.16
N LEU A 119 10.80 -28.01 -0.01
CA LEU A 119 11.95 -28.92 -0.25
C LEU A 119 13.16 -28.37 0.49
N ASP A 120 13.92 -29.21 1.18
CA ASP A 120 15.01 -28.74 2.02
C ASP A 120 16.27 -28.86 1.18
N SER A 121 16.79 -27.78 0.65
CA SER A 121 18.00 -27.95 -0.16
C SER A 121 19.28 -28.23 0.64
N PHE A 122 19.24 -28.08 1.96
CA PHE A 122 20.40 -28.41 2.81
C PHE A 122 20.52 -29.92 3.07
N HIS A 123 19.48 -30.67 2.71
CA HIS A 123 19.37 -32.12 2.98
C HIS A 123 18.81 -32.85 1.74
N ASP A 124 19.51 -32.65 0.62
CA ASP A 124 19.26 -33.36 -0.62
C ASP A 124 17.88 -33.06 -1.20
N ASN A 125 17.36 -31.87 -0.94
CA ASN A 125 16.04 -31.53 -1.47
C ASN A 125 14.85 -32.38 -1.02
N GLU A 126 15.00 -33.07 0.11
CA GLU A 126 13.90 -33.87 0.59
C GLU A 126 12.80 -32.97 1.28
N PRO A 127 11.53 -33.38 1.20
CA PRO A 127 10.48 -32.56 1.84
C PRO A 127 10.69 -32.42 3.37
N HIS A 128 10.58 -31.20 3.88
CA HIS A 128 10.66 -31.02 5.33
C HIS A 128 9.28 -31.30 5.98
N MET A 129 9.30 -31.93 7.15
CA MET A 129 8.12 -32.35 7.88
C MET A 129 8.02 -31.44 9.09
N GLY A 130 6.81 -30.94 9.39
CA GLY A 130 6.59 -29.93 10.45
C GLY A 130 6.29 -30.50 11.85
N GLY A 131 5.53 -29.73 12.60
CA GLY A 131 5.36 -29.93 14.03
C GLY A 131 4.24 -30.87 14.49
N TYR A 132 3.40 -31.38 13.56
CA TYR A 132 2.42 -32.39 13.98
C TYR A 132 3.18 -33.71 14.06
N SER A 133 4.17 -33.79 14.96
CA SER A 133 5.04 -34.98 15.02
C SER A 133 5.75 -35.01 16.35
N ASN A 134 6.41 -36.13 16.68
CA ASN A 134 7.02 -36.27 18.01
C ASN A 134 8.38 -35.58 18.15
N ASN A 135 8.99 -35.19 17.04
CA ASN A 135 10.30 -34.58 17.08
C ASN A 135 10.67 -33.81 15.80
N ILE A 136 11.75 -33.06 15.89
CA ILE A 136 12.22 -32.29 14.74
C ILE A 136 13.71 -32.01 14.94
N VAL A 137 14.46 -31.96 13.84
CA VAL A 137 15.90 -31.76 13.89
C VAL A 137 16.13 -30.39 13.19
N VAL A 138 16.70 -29.44 13.91
CA VAL A 138 16.78 -28.09 13.45
C VAL A 138 18.18 -27.54 13.76
N ASP A 139 18.72 -26.80 12.79
CA ASP A 139 19.98 -26.06 12.97
C ASP A 139 19.81 -25.08 14.12
N GLU A 140 20.85 -24.91 14.94
CA GLU A 140 20.67 -24.25 16.21
C GLU A 140 20.35 -22.76 16.04
N ASN A 141 20.78 -22.22 14.91
CA ASN A 141 20.53 -20.78 14.63
C ASN A 141 19.09 -20.46 14.34
N TYR A 142 18.26 -21.49 14.22
CA TYR A 142 16.82 -21.32 13.93
C TYR A 142 15.94 -21.72 15.10
N VAL A 143 16.56 -21.96 16.26
CA VAL A 143 15.86 -22.40 17.47
C VAL A 143 15.74 -21.27 18.52
N ILE A 144 14.53 -21.11 19.06
CA ILE A 144 14.27 -20.06 20.03
C ILE A 144 14.39 -20.58 21.48
N SER A 145 15.12 -19.82 22.28
CA SER A 145 15.30 -20.08 23.68
C SER A 145 14.02 -19.68 24.46
N VAL A 146 13.48 -20.61 25.26
CA VAL A 146 12.21 -20.40 25.97
C VAL A 146 12.46 -20.61 27.45
N ASP A 147 11.99 -19.68 28.30
CA ASP A 147 12.20 -19.83 29.77
C ASP A 147 11.71 -21.23 30.25
N LYS A 148 12.56 -21.96 30.98
CA LYS A 148 12.28 -23.36 31.29
C LYS A 148 10.98 -23.57 32.06
N ASN A 149 10.48 -22.53 32.70
CA ASN A 149 9.28 -22.56 33.51
C ASN A 149 8.07 -21.89 32.88
N ALA A 150 8.18 -21.40 31.64
CA ALA A 150 7.05 -20.76 30.94
C ALA A 150 6.00 -21.82 30.59
N PRO A 151 4.70 -21.45 30.48
CA PRO A 151 3.69 -22.50 30.18
C PRO A 151 3.75 -22.97 28.72
N LEU A 152 4.27 -24.16 28.49
CA LEU A 152 4.69 -24.51 27.14
C LEU A 152 3.59 -24.60 26.09
N GLU A 153 2.39 -24.97 26.54
CA GLU A 153 1.23 -25.06 25.62
C GLU A 153 0.87 -23.69 25.14
N LYS A 154 0.99 -22.68 26.00
CA LYS A 154 0.75 -21.28 25.53
C LYS A 154 1.95 -20.68 24.78
N VAL A 155 3.16 -21.17 25.02
CA VAL A 155 4.34 -20.71 24.22
C VAL A 155 4.25 -21.10 22.76
N ALA A 156 3.72 -22.28 22.45
CA ALA A 156 3.87 -22.79 21.09
C ALA A 156 3.37 -21.82 20.02
N PRO A 157 2.17 -21.24 20.22
CA PRO A 157 1.69 -20.37 19.15
C PRO A 157 2.34 -19.02 19.04
N LEU A 158 3.06 -18.60 20.07
CA LEU A 158 3.95 -17.44 19.91
C LEU A 158 4.91 -17.53 18.70
N LEU A 159 5.36 -18.76 18.42
CA LEU A 159 6.34 -19.02 17.37
C LEU A 159 5.82 -18.69 15.98
N CYS A 160 4.51 -18.59 15.81
CA CYS A 160 4.08 -18.05 14.55
C CYS A 160 3.03 -16.95 14.73
N ALA A 161 1.94 -17.24 15.45
CA ALA A 161 0.92 -16.20 15.62
C ALA A 161 1.54 -15.02 16.38
N GLY A 162 2.42 -15.33 17.32
CA GLY A 162 3.03 -14.26 18.12
C GLY A 162 3.87 -13.31 17.26
N ILE A 163 4.89 -13.83 16.60
CA ILE A 163 5.84 -12.95 15.88
C ILE A 163 5.20 -12.22 14.73
N THR A 164 4.23 -12.90 14.11
CA THR A 164 3.64 -12.40 12.91
C THR A 164 2.83 -11.12 13.20
N THR A 165 2.34 -10.99 14.44
CA THR A 165 1.47 -9.87 14.73
C THR A 165 2.32 -8.83 15.46
N TYR A 166 3.23 -9.31 16.30
CA TYR A 166 4.16 -8.46 17.08
C TYR A 166 5.03 -7.62 16.16
N SER A 167 5.49 -8.25 15.07
CA SER A 167 6.43 -7.58 14.16
C SER A 167 5.87 -6.29 13.50
N PRO A 168 4.67 -6.38 12.89
CA PRO A 168 4.14 -5.14 12.26
C PRO A 168 3.71 -4.10 13.30
N LEU A 169 3.27 -4.53 14.46
CA LEU A 169 2.97 -3.54 15.51
C LEU A 169 4.20 -2.72 15.87
N LYS A 170 5.33 -3.39 16.06
CA LYS A 170 6.62 -2.71 16.30
C LYS A 170 7.04 -1.89 15.09
N PHE A 171 6.88 -2.46 13.89
CA PHE A 171 7.39 -1.81 12.66
C PHE A 171 6.64 -0.49 12.47
N SER A 172 5.35 -0.48 12.80
CA SER A 172 4.50 0.72 12.65
C SER A 172 4.50 1.57 13.93
N LYS A 173 5.32 1.21 14.95
CA LYS A 173 5.46 2.01 16.20
C LYS A 173 4.11 2.28 16.89
N VAL A 174 3.26 1.26 16.94
CA VAL A 174 2.07 1.33 17.76
C VAL A 174 2.50 1.61 19.19
N THR A 175 1.78 2.48 19.87
CA THR A 175 2.20 2.95 21.19
C THR A 175 0.95 3.44 21.98
N LYS A 176 1.14 4.02 23.17
CA LYS A 176 0.01 4.47 24.00
C LYS A 176 -0.88 5.46 23.25
N GLY A 177 -2.17 5.17 23.19
CA GLY A 177 -3.11 6.03 22.53
C GLY A 177 -3.26 5.75 21.04
N THR A 178 -2.37 4.96 20.43
CA THR A 178 -2.60 4.57 19.01
C THR A 178 -3.98 3.90 18.87
N LYS A 179 -4.76 4.30 17.87
CA LYS A 179 -6.02 3.61 17.59
C LYS A 179 -5.73 2.49 16.62
N VAL A 180 -5.88 1.25 17.09
CA VAL A 180 -5.55 0.06 16.37
C VAL A 180 -6.79 -0.72 16.07
N GLY A 181 -6.90 -1.16 14.81
CA GLY A 181 -7.94 -2.10 14.39
C GLY A 181 -7.33 -3.48 14.08
N VAL A 182 -8.04 -4.56 14.44
CA VAL A 182 -7.59 -5.90 14.15
C VAL A 182 -8.74 -6.59 13.41
N ALA A 183 -8.49 -7.09 12.19
CA ALA A 183 -9.56 -7.68 11.41
C ALA A 183 -9.36 -9.20 11.41
N GLY A 184 -10.41 -9.93 11.75
CA GLY A 184 -10.31 -11.38 11.87
C GLY A 184 -9.80 -11.69 13.25
N PHE A 185 -10.72 -12.12 14.12
CA PHE A 185 -10.45 -12.33 15.54
C PHE A 185 -10.21 -13.82 15.89
N GLY A 186 -9.14 -14.38 15.34
CA GLY A 186 -8.89 -15.81 15.44
C GLY A 186 -7.54 -15.94 16.12
N GLY A 187 -6.72 -16.84 15.64
CA GLY A 187 -5.45 -17.05 16.29
C GLY A 187 -4.52 -15.84 16.24
N LEU A 188 -4.22 -15.32 15.05
CA LEU A 188 -3.36 -14.17 14.97
C LEU A 188 -4.13 -12.96 15.55
N GLY A 189 -5.45 -12.89 15.29
CA GLY A 189 -6.24 -11.69 15.67
C GLY A 189 -6.17 -11.50 17.17
N SER A 190 -6.28 -12.60 17.90
CA SER A 190 -6.27 -12.45 19.37
C SER A 190 -4.89 -12.04 19.90
N MET A 191 -3.82 -12.60 19.32
CA MET A 191 -2.46 -12.17 19.71
C MET A 191 -2.31 -10.70 19.42
N ALA A 192 -2.74 -10.28 18.24
CA ALA A 192 -2.60 -8.89 17.86
C ALA A 192 -3.34 -7.97 18.85
N VAL A 193 -4.56 -8.32 19.23
CA VAL A 193 -5.27 -7.59 20.28
C VAL A 193 -4.47 -7.49 21.58
N LYS A 194 -3.95 -8.61 22.05
CA LYS A 194 -3.27 -8.68 23.35
C LYS A 194 -1.98 -7.83 23.37
N TYR A 195 -1.16 -7.94 22.32
CA TYR A 195 -0.03 -7.03 22.12
C TYR A 195 -0.43 -5.57 22.07
N ALA A 196 -1.47 -5.26 21.31
CA ALA A 196 -1.79 -3.86 21.11
C ALA A 196 -2.26 -3.32 22.44
N VAL A 197 -3.12 -4.08 23.11
CA VAL A 197 -3.58 -3.67 24.41
C VAL A 197 -2.40 -3.47 25.36
N ALA A 198 -1.45 -4.42 25.39
CA ALA A 198 -0.28 -4.35 26.29
C ALA A 198 0.58 -3.11 25.97
N MET A 199 0.52 -2.70 24.72
CA MET A 199 1.27 -1.55 24.23
C MET A 199 0.56 -0.24 24.49
N GLY A 200 -0.62 -0.32 25.13
CA GLY A 200 -1.40 0.87 25.46
C GLY A 200 -2.21 1.46 24.30
N ALA A 201 -2.49 0.64 23.30
CA ALA A 201 -3.29 1.16 22.18
C ALA A 201 -4.79 1.12 22.53
N GLU A 202 -5.61 1.81 21.74
CA GLU A 202 -7.05 1.70 21.89
C GLU A 202 -7.51 0.75 20.77
N VAL A 203 -8.14 -0.38 21.14
CA VAL A 203 -8.23 -1.48 20.20
C VAL A 203 -9.65 -1.69 19.75
N SER A 204 -9.82 -1.80 18.42
CA SER A 204 -11.08 -2.21 17.79
C SER A 204 -10.87 -3.55 17.08
N VAL A 205 -11.88 -4.43 17.25
CA VAL A 205 -11.89 -5.73 16.57
C VAL A 205 -12.97 -5.78 15.51
N PHE A 206 -12.66 -6.44 14.40
CA PHE A 206 -13.61 -6.61 13.27
C PHE A 206 -13.76 -8.12 13.07
N ALA A 207 -14.98 -8.62 13.28
CA ALA A 207 -15.31 -10.00 13.09
C ALA A 207 -16.52 -10.10 12.15
N ARG A 208 -16.97 -11.34 11.94
CA ARG A 208 -18.18 -11.60 11.17
C ARG A 208 -19.47 -11.74 12.01
N ASN A 209 -19.35 -12.00 13.29
CA ASN A 209 -20.52 -11.99 14.18
C ASN A 209 -19.97 -11.73 15.54
N GLU A 210 -20.89 -11.72 16.50
CA GLU A 210 -20.63 -11.32 17.87
C GLU A 210 -20.32 -12.49 18.83
N HIS A 211 -20.16 -13.72 18.32
CA HIS A 211 -20.03 -14.88 19.22
C HIS A 211 -18.91 -14.62 20.21
N LYS A 212 -17.83 -13.96 19.79
CA LYS A 212 -16.71 -13.76 20.71
C LYS A 212 -16.59 -12.30 21.25
N LYS A 213 -17.68 -11.55 21.16
CA LYS A 213 -17.69 -10.17 21.64
C LYS A 213 -17.25 -10.04 23.11
N GLN A 214 -17.85 -10.84 23.99
CA GLN A 214 -17.45 -10.88 25.41
C GLN A 214 -15.99 -11.21 25.63
N ASP A 215 -15.43 -12.11 24.84
CA ASP A 215 -13.96 -12.34 24.96
C ASP A 215 -13.12 -11.13 24.58
N ALA A 216 -13.47 -10.44 23.50
CA ALA A 216 -12.81 -9.20 23.13
C ALA A 216 -12.82 -8.25 24.33
N LEU A 217 -13.99 -8.13 24.94
CA LEU A 217 -14.20 -7.21 26.04
C LEU A 217 -13.30 -7.60 27.22
N SER A 218 -13.25 -8.89 27.51
CA SER A 218 -12.29 -9.45 28.46
C SER A 218 -10.84 -9.02 28.21
N MET A 219 -10.45 -8.93 26.96
CA MET A 219 -9.03 -8.68 26.67
C MET A 219 -8.73 -7.19 26.71
N GLY A 220 -9.73 -6.38 27.04
CA GLY A 220 -9.56 -4.93 27.04
C GLY A 220 -9.91 -4.25 25.72
N VAL A 221 -10.63 -4.93 24.82
CA VAL A 221 -11.05 -4.33 23.57
C VAL A 221 -12.06 -3.18 23.80
N LYS A 222 -11.83 -2.06 23.12
CA LYS A 222 -12.71 -0.89 23.24
C LYS A 222 -13.92 -0.88 22.28
N HIS A 223 -13.78 -1.32 21.03
CA HIS A 223 -14.93 -1.36 20.12
C HIS A 223 -14.96 -2.69 19.36
N PHE A 224 -16.15 -3.23 19.12
CA PHE A 224 -16.26 -4.52 18.43
C PHE A 224 -17.24 -4.32 17.29
N TYR A 225 -16.83 -4.64 16.07
CA TYR A 225 -17.69 -4.50 14.91
C TYR A 225 -17.88 -5.83 14.19
N THR A 226 -19.00 -5.97 13.48
CA THR A 226 -19.24 -7.15 12.66
C THR A 226 -19.24 -6.72 11.19
N ASP A 227 -18.93 -5.45 10.93
CA ASP A 227 -18.76 -4.99 9.55
C ASP A 227 -17.90 -3.76 9.58
N PRO A 228 -16.90 -3.65 8.68
CA PRO A 228 -16.03 -2.45 8.71
C PRO A 228 -16.77 -1.14 8.50
N LYS A 229 -17.89 -1.17 7.78
CA LYS A 229 -18.72 0.01 7.60
C LYS A 229 -19.36 0.50 8.92
N GLN A 230 -19.38 -0.34 9.94
CA GLN A 230 -19.87 0.09 11.25
C GLN A 230 -18.96 1.07 11.93
N CYS A 231 -17.68 1.12 11.56
CA CYS A 231 -16.70 1.89 12.31
C CYS A 231 -16.73 3.37 11.86
N LYS A 232 -17.09 4.27 12.77
CA LYS A 232 -17.27 5.70 12.48
C LYS A 232 -16.10 6.58 12.89
N GLU A 233 -14.92 6.04 13.08
CA GLU A 233 -13.84 6.89 13.47
C GLU A 233 -12.62 6.44 12.68
N GLU A 234 -11.63 7.30 12.60
CA GLU A 234 -10.43 6.98 11.89
C GLU A 234 -9.45 6.24 12.75
N LEU A 235 -8.71 5.30 12.15
CA LEU A 235 -7.78 4.47 12.90
C LEU A 235 -6.37 4.80 12.45
N ASP A 236 -5.43 4.74 13.38
CA ASP A 236 -4.05 4.97 13.04
C ASP A 236 -3.43 3.72 12.37
N PHE A 237 -3.88 2.53 12.77
CA PHE A 237 -3.17 1.33 12.36
C PHE A 237 -4.20 0.22 12.26
N ILE A 238 -4.20 -0.53 11.19
CA ILE A 238 -5.06 -1.72 11.13
C ILE A 238 -4.22 -2.90 10.72
N ILE A 239 -4.41 -4.04 11.40
CA ILE A 239 -3.76 -5.27 10.94
C ILE A 239 -4.83 -6.24 10.50
N SER A 240 -4.77 -6.64 9.26
CA SER A 240 -5.76 -7.62 8.79
C SER A 240 -5.22 -9.07 8.74
N THR A 241 -5.86 -9.94 9.52
CA THR A 241 -5.54 -11.39 9.56
C THR A 241 -6.55 -12.22 8.74
N ILE A 242 -7.42 -11.56 7.98
CA ILE A 242 -8.51 -12.29 7.31
C ILE A 242 -8.01 -13.36 6.30
N PRO A 243 -8.46 -14.64 6.46
CA PRO A 243 -8.07 -15.76 5.54
C PRO A 243 -9.17 -16.13 4.52
N THR A 244 -10.17 -15.25 4.33
CA THR A 244 -11.22 -15.46 3.35
C THR A 244 -11.31 -14.20 2.48
N HIS A 245 -12.21 -14.25 1.48
CA HIS A 245 -12.28 -13.15 0.53
C HIS A 245 -12.84 -11.94 1.21
N TYR A 246 -12.26 -10.77 0.99
CA TYR A 246 -12.96 -9.55 1.36
C TYR A 246 -12.46 -8.43 0.49
N ASP A 247 -12.96 -7.22 0.76
CA ASP A 247 -12.66 -6.03 -0.01
C ASP A 247 -11.69 -5.18 0.81
N LEU A 248 -10.42 -5.17 0.39
CA LEU A 248 -9.45 -4.34 1.09
C LEU A 248 -9.87 -2.88 1.26
N LYS A 249 -10.67 -2.35 0.34
CA LYS A 249 -11.02 -0.92 0.41
C LYS A 249 -11.83 -0.59 1.67
N ASP A 250 -12.63 -1.56 2.17
CA ASP A 250 -13.42 -1.36 3.40
C ASP A 250 -12.54 -1.07 4.60
N TYR A 251 -11.33 -1.63 4.60
CA TYR A 251 -10.40 -1.36 5.71
C TYR A 251 -9.54 -0.13 5.45
N LEU A 252 -9.04 0.01 4.21
CA LEU A 252 -8.15 1.12 3.84
C LEU A 252 -8.86 2.46 4.13
N LYS A 253 -10.14 2.51 3.84
CA LYS A 253 -10.87 3.76 3.99
C LYS A 253 -11.09 4.11 5.48
N LEU A 254 -10.85 3.19 6.41
CA LEU A 254 -10.97 3.57 7.83
C LEU A 254 -9.73 4.26 8.43
N LEU A 255 -8.63 4.28 7.67
CA LEU A 255 -7.37 4.81 8.20
C LEU A 255 -7.42 6.33 8.22
N THR A 256 -6.87 6.91 9.25
CA THR A 256 -6.70 8.36 9.23
C THR A 256 -5.62 8.70 8.15
N TYR A 257 -5.45 9.98 7.86
CA TYR A 257 -4.34 10.43 7.02
C TYR A 257 -2.98 10.01 7.61
N ASN A 258 -2.11 9.46 6.79
CA ASN A 258 -0.85 8.91 7.24
C ASN A 258 -0.99 7.61 8.07
N GLY A 259 -2.16 6.96 8.00
CA GLY A 259 -2.36 5.73 8.75
C GLY A 259 -1.73 4.54 8.05
N ASP A 260 -1.58 3.41 8.76
CA ASP A 260 -1.01 2.16 8.15
C ASP A 260 -1.98 0.99 8.16
N LEU A 261 -2.11 0.31 7.03
CA LEU A 261 -2.81 -0.97 7.00
C LEU A 261 -1.77 -2.06 6.78
N ALA A 262 -1.67 -2.98 7.75
CA ALA A 262 -0.68 -4.04 7.75
C ALA A 262 -1.38 -5.37 7.37
N LEU A 263 -0.95 -5.98 6.25
CA LEU A 263 -1.58 -7.20 5.73
C LEU A 263 -0.80 -8.44 6.16
N VAL A 264 -1.45 -9.36 6.85
CA VAL A 264 -0.81 -10.65 7.13
C VAL A 264 -1.62 -11.85 6.66
N GLY A 265 -2.95 -11.71 6.69
CA GLY A 265 -3.87 -12.80 6.26
C GLY A 265 -3.69 -13.12 4.79
N LEU A 266 -3.78 -14.41 4.47
CA LEU A 266 -3.53 -14.91 3.12
C LEU A 266 -4.64 -15.87 2.72
N PRO A 267 -5.77 -15.32 2.24
CA PRO A 267 -6.91 -16.15 1.73
C PRO A 267 -6.42 -17.03 0.54
N PRO A 268 -7.21 -18.06 0.13
CA PRO A 268 -6.79 -18.86 -1.02
C PRO A 268 -6.45 -17.95 -2.20
N VAL A 269 -5.40 -18.27 -2.97
CA VAL A 269 -4.90 -17.32 -4.02
C VAL A 269 -5.91 -16.99 -5.06
N GLU A 270 -6.78 -17.92 -5.41
CA GLU A 270 -7.80 -17.62 -6.38
C GLU A 270 -8.77 -16.50 -5.92
N VAL A 271 -8.95 -16.26 -4.64
CA VAL A 271 -9.86 -15.18 -4.22
C VAL A 271 -9.11 -14.11 -3.41
N ALA A 272 -7.80 -14.05 -3.52
CA ALA A 272 -7.00 -13.05 -2.77
C ALA A 272 -7.43 -11.61 -3.18
N PRO A 273 -7.83 -10.75 -2.21
CA PRO A 273 -8.20 -9.38 -2.60
C PRO A 273 -7.01 -8.59 -3.13
N VAL A 274 -7.30 -7.62 -3.97
CA VAL A 274 -6.27 -6.73 -4.56
C VAL A 274 -6.63 -5.24 -4.32
N LEU A 275 -5.65 -4.34 -4.50
CA LEU A 275 -6.01 -2.94 -4.61
C LEU A 275 -5.44 -2.44 -5.89
N SER A 276 -6.22 -1.73 -6.70
CA SER A 276 -5.67 -1.16 -7.92
C SER A 276 -5.08 0.24 -7.63
N VAL A 277 -4.34 0.78 -8.61
CA VAL A 277 -3.88 2.17 -8.49
C VAL A 277 -5.03 3.15 -8.22
N PHE A 278 -6.20 2.94 -8.85
CA PHE A 278 -7.40 3.77 -8.66
C PHE A 278 -7.85 3.77 -7.21
N ASP A 279 -7.81 2.60 -6.57
CA ASP A 279 -8.17 2.46 -5.17
C ASP A 279 -7.26 3.25 -4.28
N PHE A 280 -5.93 3.14 -4.48
CA PHE A 280 -5.03 3.84 -3.64
C PHE A 280 -5.24 5.34 -3.75
N ILE A 281 -5.42 5.85 -4.97
CA ILE A 281 -5.52 7.27 -5.22
C ILE A 281 -6.87 7.84 -4.65
N HIS A 282 -7.99 7.13 -4.89
CA HIS A 282 -9.30 7.49 -4.39
C HIS A 282 -9.23 7.53 -2.87
N LEU A 283 -8.45 6.64 -2.27
CA LEU A 283 -8.30 6.62 -0.83
C LEU A 283 -6.91 7.10 -0.46
N GLY A 284 -6.56 8.33 -0.83
CA GLY A 284 -5.18 8.77 -0.76
C GLY A 284 -4.58 8.94 0.63
N ASN A 285 -3.25 8.94 0.68
CA ASN A 285 -2.50 9.25 1.94
C ASN A 285 -2.64 8.21 3.05
N ARG A 286 -2.95 6.97 2.68
CA ARG A 286 -3.13 5.91 3.65
C ARG A 286 -2.27 4.75 3.15
N LYS A 287 -1.34 4.34 3.96
CA LYS A 287 -0.29 3.45 3.49
C LYS A 287 -0.66 2.02 3.76
N VAL A 288 -0.30 1.15 2.82
CA VAL A 288 -0.51 -0.31 2.93
C VAL A 288 0.85 -1.01 2.80
N TYR A 289 1.08 -2.04 3.62
CA TYR A 289 2.25 -2.94 3.43
C TYR A 289 1.87 -4.32 3.93
N GLY A 290 2.64 -5.32 3.48
CA GLY A 290 2.50 -6.73 3.98
C GLY A 290 3.60 -7.05 5.00
N SER A 291 3.36 -8.02 5.88
CA SER A 291 4.40 -8.47 6.81
C SER A 291 4.42 -9.99 6.75
N LEU A 292 5.63 -10.52 6.68
CA LEU A 292 5.85 -11.95 6.67
C LEU A 292 6.57 -12.43 7.96
N ILE A 293 5.85 -13.23 8.80
CA ILE A 293 6.42 -13.82 10.04
C ILE A 293 7.33 -12.79 10.70
N GLY A 294 8.59 -13.18 10.94
CA GLY A 294 9.66 -12.33 11.54
C GLY A 294 10.97 -13.10 11.41
N GLY A 295 12.09 -12.41 11.52
CA GLY A 295 13.35 -13.12 11.59
C GLY A 295 13.58 -13.82 12.94
N ILE A 296 14.63 -14.61 13.03
CA ILE A 296 14.93 -15.27 14.28
C ILE A 296 15.17 -14.26 15.44
N LYS A 297 16.03 -13.29 15.19
CA LYS A 297 16.33 -12.31 16.20
C LYS A 297 15.04 -11.63 16.76
N GLU A 298 14.14 -11.17 15.88
CA GLU A 298 12.92 -10.53 16.40
C GLU A 298 11.99 -11.57 17.02
N THR A 299 12.00 -12.80 16.50
CA THR A 299 11.20 -13.88 17.15
C THR A 299 11.64 -14.11 18.62
N GLN A 300 12.96 -14.15 18.85
CA GLN A 300 13.52 -14.30 20.23
C GLN A 300 13.08 -13.14 21.12
N GLU A 301 13.17 -11.91 20.62
CA GLU A 301 12.71 -10.69 21.37
C GLU A 301 11.18 -10.77 21.72
N MET A 302 10.37 -11.21 20.75
CA MET A 302 8.94 -11.32 20.92
C MET A 302 8.69 -12.35 22.07
N VAL A 303 9.33 -13.52 21.99
CA VAL A 303 9.16 -14.57 22.99
C VAL A 303 9.60 -14.05 24.37
N ASP A 304 10.74 -13.40 24.43
CA ASP A 304 11.22 -12.84 25.71
C ASP A 304 10.18 -11.83 26.30
N PHE A 305 9.64 -10.99 25.42
CA PHE A 305 8.68 -9.97 25.84
C PHE A 305 7.40 -10.60 26.35
N SER A 306 6.91 -11.61 25.61
CA SER A 306 5.60 -12.24 25.88
C SER A 306 5.63 -12.95 27.23
N ILE A 307 6.71 -13.69 27.45
CA ILE A 307 6.94 -14.49 28.64
C ILE A 307 7.08 -13.58 29.84
N LYS A 308 7.92 -12.55 29.66
CA LYS A 308 8.14 -11.53 30.69
C LYS A 308 6.86 -10.78 31.04
N HIS A 309 5.99 -10.49 30.08
CA HIS A 309 4.76 -9.75 30.44
C HIS A 309 3.53 -10.61 30.60
N ASN A 310 3.70 -11.93 30.57
CA ASN A 310 2.56 -12.85 30.57
C ASN A 310 1.53 -12.59 29.46
N ILE A 311 1.99 -12.37 28.23
CA ILE A 311 1.08 -12.16 27.12
C ILE A 311 1.07 -13.46 26.32
N TYR A 312 -0.01 -14.20 26.40
CA TYR A 312 -0.05 -15.53 25.84
C TYR A 312 -1.31 -15.69 25.01
N PRO A 313 -1.26 -16.55 24.00
CA PRO A 313 -2.52 -16.85 23.31
C PRO A 313 -3.49 -17.59 24.23
N GLU A 314 -4.77 -17.39 23.96
CA GLU A 314 -5.84 -18.24 24.44
C GLU A 314 -5.80 -19.53 23.64
N ILE A 315 -5.66 -20.67 24.31
CA ILE A 315 -5.49 -21.93 23.57
C ILE A 315 -6.52 -22.95 24.03
N ASP A 316 -6.83 -23.94 23.18
CA ASP A 316 -7.59 -25.14 23.58
C ASP A 316 -6.78 -26.35 23.18
N LEU A 317 -6.54 -27.22 24.15
CA LEU A 317 -5.73 -28.40 23.96
C LEU A 317 -6.50 -29.47 23.22
N ILE A 318 -5.86 -30.08 22.25
CA ILE A 318 -6.47 -31.22 21.55
C ILE A 318 -5.47 -32.35 21.40
N LEU A 319 -5.94 -33.51 20.93
CA LEU A 319 -5.11 -34.64 20.52
C LEU A 319 -4.79 -34.63 18.99
N GLY A 320 -3.66 -35.22 18.60
CA GLY A 320 -3.34 -35.33 17.15
C GLY A 320 -4.49 -35.89 16.30
N LYS A 321 -5.21 -36.89 16.83
CA LYS A 321 -6.33 -37.49 16.09
C LYS A 321 -7.48 -36.52 15.90
N ASP A 322 -7.52 -35.42 16.64
CA ASP A 322 -8.58 -34.42 16.46
C ASP A 322 -8.25 -33.36 15.43
N ILE A 323 -7.19 -33.56 14.64
CA ILE A 323 -6.74 -32.51 13.74
C ILE A 323 -7.82 -32.09 12.74
N ASP A 324 -8.50 -33.10 12.17
CA ASP A 324 -9.54 -32.87 11.14
C ASP A 324 -10.75 -32.09 11.64
N THR A 325 -11.16 -32.36 12.89
CA THR A 325 -12.23 -31.62 13.56
C THR A 325 -11.78 -30.21 13.74
N ALA A 326 -10.51 -30.02 14.11
CA ALA A 326 -10.04 -28.66 14.34
C ALA A 326 -10.05 -27.84 13.01
N TYR A 327 -9.63 -28.48 11.93
CA TYR A 327 -9.59 -27.88 10.59
C TYR A 327 -11.04 -27.58 10.17
N HIS A 328 -11.94 -28.54 10.42
CA HIS A 328 -13.37 -28.27 10.18
C HIS A 328 -13.85 -27.00 10.89
N ASN A 329 -13.67 -26.98 12.20
CA ASN A 329 -14.09 -25.82 12.98
C ASN A 329 -13.54 -24.50 12.47
N LEU A 330 -12.29 -24.52 12.00
CA LEU A 330 -11.60 -23.34 11.58
C LEU A 330 -12.06 -22.89 10.19
N THR A 331 -12.66 -23.81 9.42
CA THR A 331 -13.14 -23.42 8.08
C THR A 331 -14.67 -23.27 8.07
N HIS A 332 -15.30 -23.52 9.21
CA HIS A 332 -16.74 -23.43 9.30
C HIS A 332 -17.21 -22.51 10.43
N GLY A 333 -16.35 -21.61 10.92
CA GLY A 333 -16.82 -20.59 11.90
C GLY A 333 -17.11 -21.09 13.30
N LYS A 334 -16.54 -22.24 13.66
CA LYS A 334 -16.80 -22.82 14.96
C LYS A 334 -15.59 -22.84 15.86
N ALA A 335 -14.52 -22.12 15.50
CA ALA A 335 -13.31 -22.20 16.29
C ALA A 335 -13.33 -21.12 17.31
N LYS A 336 -12.52 -21.25 18.35
CA LYS A 336 -12.38 -20.15 19.31
C LYS A 336 -11.13 -19.31 18.92
N PHE A 337 -9.99 -19.59 19.53
CA PHE A 337 -8.75 -18.90 19.17
C PHE A 337 -7.74 -19.90 18.65
N ARG A 338 -6.81 -20.39 19.46
CA ARG A 338 -5.83 -21.33 18.92
C ARG A 338 -6.13 -22.71 19.42
N TYR A 339 -6.00 -23.69 18.53
CA TYR A 339 -5.88 -25.06 18.92
C TYR A 339 -4.39 -25.42 19.07
N VAL A 340 -4.07 -26.10 20.17
CA VAL A 340 -2.74 -26.65 20.42
C VAL A 340 -2.81 -28.20 20.69
N ILE A 341 -1.96 -28.96 19.98
CA ILE A 341 -1.92 -30.42 20.11
C ILE A 341 -1.01 -30.77 21.29
N ASP A 342 -1.58 -31.60 22.18
CA ASP A 342 -0.91 -32.14 23.30
C ASP A 342 -0.16 -33.41 22.86
N MET A 343 1.07 -33.22 22.41
CA MET A 343 1.75 -34.24 21.65
C MET A 343 2.14 -35.44 22.49
N LYS A 344 2.47 -35.22 23.75
CA LYS A 344 2.80 -36.36 24.61
C LYS A 344 1.60 -37.30 24.72
N LYS A 345 0.40 -36.75 24.66
CA LYS A 345 -0.79 -37.56 24.83
C LYS A 345 -1.36 -38.09 23.52
N SER A 346 -0.69 -37.83 22.40
CA SER A 346 -1.29 -38.11 21.08
C SER A 346 -0.91 -39.46 20.42
N PHE A 347 -0.10 -40.26 21.09
CA PHE A 347 0.43 -41.52 20.57
C PHE A 347 0.14 -42.70 21.48
N MET B 1 -26.77 37.37 -15.31
CA MET B 1 -26.58 37.00 -16.75
C MET B 1 -25.48 35.92 -16.88
N ARG B 2 -25.77 34.85 -17.61
CA ARG B 2 -24.77 33.81 -17.88
C ARG B 2 -23.59 34.39 -18.62
N VAL B 3 -22.40 33.86 -18.40
CA VAL B 3 -21.20 34.34 -19.07
C VAL B 3 -21.07 33.57 -20.38
N GLN B 4 -20.89 34.27 -21.50
CA GLN B 4 -20.67 33.62 -22.80
C GLN B 4 -19.22 33.17 -22.93
N SER B 5 -19.00 32.00 -23.50
CA SER B 5 -17.65 31.49 -23.57
C SER B 5 -17.35 30.82 -24.86
N LYS B 6 -16.06 30.56 -25.09
CA LYS B 6 -15.68 29.67 -26.17
C LYS B 6 -14.46 28.83 -25.85
N GLY B 7 -14.33 27.73 -26.57
CA GLY B 7 -13.26 26.80 -26.29
C GLY B 7 -13.17 25.69 -27.31
N PHE B 8 -12.42 24.66 -26.91
CA PHE B 8 -12.12 23.54 -27.76
C PHE B 8 -12.70 22.31 -27.11
N ALA B 9 -13.79 21.81 -27.73
CA ALA B 9 -14.58 20.67 -27.25
C ALA B 9 -14.38 19.40 -28.09
N ILE B 10 -14.53 18.25 -27.41
CA ILE B 10 -14.62 16.94 -28.11
C ILE B 10 -15.99 16.33 -27.87
N PHE B 11 -16.62 15.80 -28.92
CA PHE B 11 -18.01 15.38 -28.77
C PHE B 11 -18.25 13.91 -28.50
N SER B 12 -17.24 13.10 -28.71
CA SER B 12 -17.29 11.72 -28.29
C SER B 12 -15.86 11.20 -28.34
N LYS B 13 -15.65 10.00 -27.85
CA LYS B 13 -14.32 9.53 -27.50
C LYS B 13 -13.40 9.36 -28.70
N ASP B 14 -13.95 9.18 -29.89
CA ASP B 14 -13.14 9.02 -31.10
C ASP B 14 -13.12 10.21 -32.05
N GLU B 15 -13.57 11.39 -31.63
CA GLU B 15 -13.53 12.53 -32.56
C GLU B 15 -12.37 13.47 -32.33
N HIS B 16 -12.24 14.48 -33.18
CA HIS B 16 -11.29 15.55 -33.01
C HIS B 16 -11.96 16.70 -32.29
N PHE B 17 -11.14 17.52 -31.64
CA PHE B 17 -11.49 18.77 -30.99
C PHE B 17 -11.97 19.80 -31.98
N LYS B 18 -12.95 20.62 -31.61
CA LYS B 18 -13.44 21.68 -32.52
C LYS B 18 -13.79 22.90 -31.71
N PRO B 19 -13.74 24.10 -32.32
CA PRO B 19 -14.24 25.33 -31.65
C PRO B 19 -15.66 25.13 -31.18
N HIS B 20 -15.96 25.50 -29.95
CA HIS B 20 -17.30 25.28 -29.44
C HIS B 20 -17.68 26.53 -28.66
N ASP B 21 -18.84 27.09 -29.02
CA ASP B 21 -19.46 28.15 -28.26
C ASP B 21 -20.30 27.56 -27.17
N PHE B 22 -20.24 28.18 -25.98
CA PHE B 22 -21.04 27.74 -24.84
C PHE B 22 -21.21 28.87 -23.87
N SER B 23 -21.81 28.58 -22.72
CA SER B 23 -21.99 29.57 -21.69
C SER B 23 -21.73 28.93 -20.31
N ARG B 24 -21.34 29.76 -19.36
CA ARG B 24 -21.12 29.30 -17.98
C ARG B 24 -22.10 30.01 -17.05
N HIS B 25 -22.27 29.49 -15.82
CA HIS B 25 -23.07 30.19 -14.81
C HIS B 25 -22.65 31.67 -14.57
N ALA B 26 -23.65 32.49 -14.24
CA ALA B 26 -23.48 33.89 -13.86
C ALA B 26 -22.47 33.99 -12.71
N VAL B 27 -21.81 35.14 -12.62
CA VAL B 27 -20.91 35.47 -11.52
C VAL B 27 -21.68 35.71 -10.23
N GLY B 28 -21.59 34.78 -9.28
CA GLY B 28 -22.40 34.86 -8.06
C GLY B 28 -21.64 35.76 -7.11
N PRO B 29 -22.24 36.11 -5.96
CA PRO B 29 -21.58 37.15 -5.15
C PRO B 29 -20.19 36.75 -4.64
N ARG B 30 -19.90 35.43 -4.57
CA ARG B 30 -18.56 34.95 -4.18
C ARG B 30 -17.69 34.43 -5.34
N ASP B 31 -18.14 34.58 -6.58
CA ASP B 31 -17.39 34.08 -7.76
C ASP B 31 -16.42 35.13 -8.29
N VAL B 32 -15.46 34.68 -9.07
CA VAL B 32 -14.67 35.55 -9.95
C VAL B 32 -14.69 34.99 -11.37
N LEU B 33 -14.66 35.92 -12.32
CA LEU B 33 -14.59 35.64 -13.77
C LEU B 33 -13.15 35.84 -14.17
N ILE B 34 -12.54 34.79 -14.69
CA ILE B 34 -11.14 34.79 -15.05
C ILE B 34 -11.06 34.70 -16.55
N ASP B 35 -10.31 35.62 -17.14
CA ASP B 35 -9.88 35.48 -18.54
C ASP B 35 -8.67 34.57 -18.57
N ILE B 36 -8.75 33.51 -19.35
CA ILE B 36 -7.71 32.47 -19.39
C ILE B 36 -6.61 32.82 -20.40
N LEU B 37 -5.37 32.88 -19.92
CA LEU B 37 -4.21 33.26 -20.77
C LEU B 37 -3.47 31.99 -21.24
N TYR B 38 -3.24 31.07 -20.31
CA TYR B 38 -2.54 29.82 -20.63
C TYR B 38 -3.25 28.61 -20.05
N ALA B 39 -3.30 27.52 -20.86
CA ALA B 39 -3.94 26.29 -20.44
C ALA B 39 -2.99 25.13 -20.71
N GLY B 40 -2.47 24.55 -19.62
CA GLY B 40 -1.70 23.29 -19.67
C GLY B 40 -2.54 22.11 -20.11
N ILE B 41 -1.90 21.20 -20.85
CA ILE B 41 -2.53 19.94 -21.21
C ILE B 41 -1.96 18.87 -20.29
N CYS B 42 -2.81 18.20 -19.51
CA CYS B 42 -2.38 17.15 -18.65
C CYS B 42 -2.80 15.81 -19.33
N HIS B 43 -2.12 14.72 -19.06
CA HIS B 43 -2.56 13.40 -19.61
C HIS B 43 -3.94 12.95 -19.07
N SER B 44 -4.33 13.45 -17.91
CA SER B 44 -5.72 13.29 -17.42
C SER B 44 -6.73 13.82 -18.42
N ASP B 45 -6.34 14.89 -19.14
CA ASP B 45 -7.24 15.45 -20.15
C ASP B 45 -7.59 14.36 -21.22
N ILE B 46 -6.55 13.62 -21.59
CA ILE B 46 -6.65 12.65 -22.66
C ILE B 46 -7.43 11.41 -22.16
N HIS B 47 -7.06 10.91 -20.96
CA HIS B 47 -7.78 9.80 -20.35
C HIS B 47 -9.29 10.14 -20.28
N SER B 48 -9.63 11.40 -19.94
CA SER B 48 -11.05 11.74 -19.80
C SER B 48 -11.68 11.88 -21.16
N ALA B 49 -11.01 12.62 -22.05
CA ALA B 49 -11.51 12.86 -23.42
C ALA B 49 -11.84 11.56 -24.14
N TYR B 50 -11.02 10.52 -23.86
CA TYR B 50 -11.21 9.29 -24.55
C TYR B 50 -11.97 8.28 -23.76
N SER B 51 -12.51 8.65 -22.61
CA SER B 51 -13.25 7.65 -21.80
C SER B 51 -12.40 6.44 -21.40
N GLU B 52 -11.19 6.67 -20.93
CA GLU B 52 -10.26 5.56 -20.62
C GLU B 52 -10.47 5.08 -19.20
N TRP B 53 -11.11 5.93 -18.40
CA TRP B 53 -11.36 5.63 -16.98
C TRP B 53 -12.80 5.22 -16.74
N LYS B 54 -13.69 5.88 -17.46
CA LYS B 54 -15.12 5.73 -17.36
C LYS B 54 -15.74 6.40 -18.61
N GLU B 55 -17.05 6.30 -18.72
CA GLU B 55 -17.80 6.92 -19.75
C GLU B 55 -17.79 8.43 -19.53
N GLY B 56 -17.38 9.19 -20.54
CA GLY B 56 -17.27 10.64 -20.34
C GLY B 56 -18.58 11.40 -20.51
N ILE B 57 -18.59 12.62 -19.99
CA ILE B 57 -19.69 13.55 -20.25
C ILE B 57 -19.28 14.41 -21.45
N TYR B 58 -20.04 14.31 -22.56
CA TYR B 58 -19.80 14.98 -23.84
C TYR B 58 -20.96 15.90 -24.19
N PRO B 59 -20.70 17.08 -24.81
CA PRO B 59 -19.41 17.63 -25.21
C PRO B 59 -18.51 18.01 -24.03
N MET B 60 -17.24 17.68 -24.18
CA MET B 60 -16.31 17.83 -23.06
C MET B 60 -15.25 18.87 -23.37
N ILE B 61 -14.93 19.70 -22.40
CA ILE B 61 -13.84 20.65 -22.60
C ILE B 61 -12.83 20.45 -21.50
N PRO B 62 -11.76 19.71 -21.78
CA PRO B 62 -10.81 19.42 -20.69
C PRO B 62 -9.91 20.61 -20.37
N GLY B 63 -8.86 20.35 -19.57
CA GLY B 63 -7.93 21.37 -19.15
C GLY B 63 -8.18 21.81 -17.73
N HIS B 64 -7.22 21.49 -16.85
CA HIS B 64 -7.32 21.93 -15.46
C HIS B 64 -5.97 22.42 -15.00
N GLU B 65 -5.22 23.05 -15.90
CA GLU B 65 -4.02 23.81 -15.57
C GLU B 65 -4.20 25.21 -16.13
N ILE B 66 -4.75 26.10 -15.31
CA ILE B 66 -5.25 27.33 -15.84
C ILE B 66 -4.50 28.52 -15.22
N ALA B 67 -3.98 29.41 -16.07
CA ALA B 67 -3.40 30.66 -15.55
C ALA B 67 -4.08 31.81 -16.29
N GLY B 68 -4.50 32.85 -15.55
CA GLY B 68 -5.18 33.97 -16.19
C GLY B 68 -5.25 35.22 -15.35
N ILE B 69 -6.19 36.11 -15.71
CA ILE B 69 -6.36 37.42 -15.04
C ILE B 69 -7.83 37.59 -14.66
N ILE B 70 -8.04 38.16 -13.47
CA ILE B 70 -9.38 38.43 -13.01
C ILE B 70 -9.95 39.63 -13.74
N LYS B 71 -10.97 39.34 -14.51
CA LYS B 71 -11.76 40.33 -15.23
C LYS B 71 -12.90 40.89 -14.39
N GLU B 72 -13.54 40.08 -13.53
CA GLU B 72 -14.70 40.55 -12.76
C GLU B 72 -14.82 39.84 -11.44
N VAL B 73 -15.43 40.50 -10.46
CA VAL B 73 -15.65 39.82 -9.15
C VAL B 73 -17.09 40.04 -8.70
N GLY B 74 -17.63 39.06 -7.98
CA GLY B 74 -18.95 39.19 -7.38
C GLY B 74 -18.76 40.17 -6.26
N LYS B 75 -19.85 40.76 -5.79
CA LYS B 75 -19.83 41.81 -4.80
C LYS B 75 -19.40 41.37 -3.40
N GLY B 76 -19.55 40.10 -3.05
CA GLY B 76 -19.03 39.58 -1.78
C GLY B 76 -17.59 39.12 -1.80
N VAL B 77 -16.95 39.17 -2.95
CA VAL B 77 -15.58 38.66 -3.06
C VAL B 77 -14.60 39.49 -2.22
N LYS B 78 -13.78 38.83 -1.39
CA LYS B 78 -12.79 39.56 -0.61
C LYS B 78 -11.34 39.21 -0.89
N LYS B 79 -11.12 38.06 -1.52
CA LYS B 79 -9.75 37.55 -1.63
C LYS B 79 -9.01 38.04 -2.88
N PHE B 80 -9.72 38.64 -3.85
CA PHE B 80 -9.16 39.06 -5.16
C PHE B 80 -9.74 40.38 -5.70
N LYS B 81 -9.02 41.06 -6.59
CA LYS B 81 -9.53 42.26 -7.27
C LYS B 81 -9.35 42.12 -8.76
N ILE B 82 -10.08 42.92 -9.52
CA ILE B 82 -9.88 42.98 -10.98
C ILE B 82 -8.40 43.26 -11.27
N GLY B 83 -7.82 42.60 -12.29
CA GLY B 83 -6.40 42.74 -12.56
C GLY B 83 -5.50 41.69 -11.90
N ASP B 84 -5.96 41.07 -10.81
CA ASP B 84 -5.12 40.01 -10.15
C ASP B 84 -4.74 38.86 -11.07
N VAL B 85 -3.51 38.39 -10.92
CA VAL B 85 -3.04 37.24 -11.69
C VAL B 85 -3.26 35.95 -10.87
N VAL B 86 -3.89 34.95 -11.48
CA VAL B 86 -4.38 33.83 -10.74
C VAL B 86 -4.28 32.50 -11.44
N GLY B 87 -4.45 31.40 -10.71
CA GLY B 87 -4.51 30.10 -11.36
C GLY B 87 -5.69 29.31 -10.88
N VAL B 88 -6.13 28.36 -11.72
CA VAL B 88 -7.17 27.41 -11.36
C VAL B 88 -6.67 25.99 -11.67
N GLY B 89 -7.00 25.06 -10.75
CA GLY B 89 -6.57 23.68 -10.86
C GLY B 89 -7.67 22.69 -11.24
N CYS B 90 -7.57 21.49 -10.65
CA CYS B 90 -8.46 20.37 -10.96
C CYS B 90 -9.89 20.42 -10.42
N PHE B 91 -10.17 21.31 -9.46
CA PHE B 91 -11.57 21.44 -9.00
C PHE B 91 -11.93 22.89 -8.71
N VAL B 92 -13.22 23.21 -8.79
CA VAL B 92 -13.69 24.58 -8.71
C VAL B 92 -14.73 24.79 -7.61
N ASN B 93 -15.02 23.75 -6.86
CA ASN B 93 -16.02 23.85 -5.77
C ASN B 93 -16.05 22.56 -4.94
N SER B 94 -16.59 22.63 -3.71
CA SER B 94 -16.79 21.48 -2.81
C SER B 94 -17.80 21.88 -1.74
N CYS B 95 -18.12 20.99 -0.80
CA CYS B 95 -19.34 21.21 0.03
C CYS B 95 -19.00 22.18 1.18
N LYS B 96 -17.72 22.21 1.55
CA LYS B 96 -17.21 23.16 2.54
C LYS B 96 -17.76 22.80 3.93
N ALA B 97 -18.34 21.62 4.08
CA ALA B 97 -18.90 21.25 5.37
C ALA B 97 -18.47 19.87 5.86
N CYS B 98 -17.65 19.15 5.12
CA CYS B 98 -17.25 17.81 5.49
C CYS B 98 -15.78 17.72 6.02
N LYS B 99 -15.40 16.53 6.43
CA LYS B 99 -14.12 16.36 7.06
C LYS B 99 -13.04 16.68 6.05
N PRO B 100 -13.10 16.09 4.84
CA PRO B 100 -12.03 16.49 3.92
C PRO B 100 -11.98 18.02 3.63
N CYS B 101 -13.13 18.68 3.46
CA CYS B 101 -13.15 20.09 3.19
C CYS B 101 -12.53 20.85 4.34
N LYS B 102 -12.86 20.44 5.58
CA LYS B 102 -12.33 21.12 6.77
C LYS B 102 -10.81 20.87 6.93
N GLU B 103 -10.32 19.71 6.52
CA GLU B 103 -8.89 19.43 6.55
C GLU B 103 -8.15 19.94 5.29
N HIS B 104 -8.77 20.83 4.50
CA HIS B 104 -8.09 21.37 3.32
C HIS B 104 -7.66 20.27 2.33
N GLN B 105 -8.49 19.24 2.21
CA GLN B 105 -8.32 18.22 1.17
C GLN B 105 -9.65 18.14 0.38
N GLU B 106 -10.06 19.26 -0.19
CA GLU B 106 -11.33 19.36 -0.89
C GLU B 106 -11.42 18.34 -2.04
N GLN B 107 -10.29 17.83 -2.50
CA GLN B 107 -10.28 16.87 -3.63
C GLN B 107 -10.94 15.56 -3.27
N PHE B 108 -11.11 15.26 -1.98
CA PHE B 108 -11.80 14.07 -1.53
C PHE B 108 -13.23 14.34 -1.09
N CYS B 109 -13.69 15.60 -1.16
CA CYS B 109 -15.07 15.89 -0.87
C CYS B 109 -15.99 15.07 -1.80
N THR B 110 -17.04 14.48 -1.25
CA THR B 110 -17.95 13.69 -2.12
C THR B 110 -18.75 14.61 -3.08
N LYS B 111 -18.77 15.93 -2.86
CA LYS B 111 -19.45 16.82 -3.79
C LYS B 111 -18.48 17.78 -4.46
N VAL B 112 -17.20 17.36 -4.50
CA VAL B 112 -16.18 18.07 -5.25
C VAL B 112 -16.67 18.25 -6.71
N VAL B 113 -16.47 19.44 -7.27
CA VAL B 113 -16.75 19.66 -8.69
C VAL B 113 -15.43 19.79 -9.42
N PHE B 114 -15.04 18.74 -10.13
CA PHE B 114 -13.85 18.80 -10.93
C PHE B 114 -14.10 19.74 -12.11
N THR B 115 -13.02 20.33 -12.59
CA THR B 115 -13.06 21.41 -13.57
C THR B 115 -13.74 21.03 -14.90
N TYR B 116 -13.65 19.74 -15.25
CA TYR B 116 -14.33 19.21 -16.45
C TYR B 116 -14.73 17.74 -16.27
N ASP B 117 -15.53 17.23 -17.21
CA ASP B 117 -16.02 15.86 -17.10
C ASP B 117 -16.67 15.63 -15.71
N CYS B 118 -17.56 16.51 -15.30
CA CYS B 118 -18.13 16.40 -13.95
C CYS B 118 -19.31 17.37 -13.88
N LEU B 119 -20.44 16.88 -13.38
CA LEU B 119 -21.66 17.66 -13.18
C LEU B 119 -21.43 18.61 -12.00
N ASP B 120 -21.89 19.84 -12.13
CA ASP B 120 -21.69 20.88 -11.13
C ASP B 120 -22.93 20.93 -10.24
N SER B 121 -22.94 20.17 -9.15
CA SER B 121 -24.09 20.13 -8.21
C SER B 121 -24.40 21.48 -7.58
N PHE B 122 -23.48 22.45 -7.69
CA PHE B 122 -23.75 23.80 -7.19
C PHE B 122 -24.51 24.64 -8.21
N HIS B 123 -24.57 24.20 -9.46
CA HIS B 123 -25.32 24.88 -10.52
C HIS B 123 -26.17 23.93 -11.30
N ASP B 124 -27.19 23.42 -10.61
CA ASP B 124 -28.19 22.52 -11.18
C ASP B 124 -27.66 21.35 -11.98
N ASN B 125 -26.52 20.81 -11.57
CA ASN B 125 -25.90 19.65 -12.20
C ASN B 125 -25.57 19.82 -13.66
N GLU B 126 -25.38 21.06 -14.11
CA GLU B 126 -24.88 21.27 -15.46
C GLU B 126 -23.43 20.73 -15.56
N PRO B 127 -23.05 20.25 -16.75
CA PRO B 127 -21.68 19.75 -16.91
C PRO B 127 -20.65 20.89 -16.77
N HIS B 128 -19.59 20.72 -15.95
CA HIS B 128 -18.59 21.81 -15.85
C HIS B 128 -17.61 21.73 -17.03
N MET B 129 -17.19 22.89 -17.53
CA MET B 129 -16.32 22.96 -18.72
C MET B 129 -14.94 23.45 -18.28
N GLY B 130 -13.90 22.87 -18.86
CA GLY B 130 -12.54 23.13 -18.39
C GLY B 130 -11.82 24.33 -18.96
N GLY B 131 -10.48 24.19 -18.97
CA GLY B 131 -9.60 25.27 -19.24
C GLY B 131 -9.19 25.49 -20.67
N TYR B 132 -9.57 24.58 -21.61
CA TYR B 132 -9.30 24.87 -23.06
C TYR B 132 -10.31 25.89 -23.60
N SER B 133 -10.39 27.06 -22.99
CA SER B 133 -11.48 28.00 -23.29
C SER B 133 -10.98 29.39 -22.90
N ASN B 134 -11.78 30.42 -23.22
CA ASN B 134 -11.31 31.79 -23.06
C ASN B 134 -11.57 32.37 -21.67
N ASN B 135 -12.43 31.72 -20.89
CA ASN B 135 -12.71 32.22 -19.56
C ASN B 135 -13.26 31.11 -18.70
N ILE B 136 -13.41 31.39 -17.40
CA ILE B 136 -13.94 30.41 -16.47
C ILE B 136 -14.47 31.23 -15.26
N VAL B 137 -15.53 30.72 -14.63
CA VAL B 137 -16.16 31.38 -13.47
C VAL B 137 -15.96 30.47 -12.25
N VAL B 138 -15.22 30.94 -11.23
CA VAL B 138 -14.84 30.09 -10.11
C VAL B 138 -15.15 30.75 -8.76
N ASP B 139 -15.75 29.98 -7.83
CA ASP B 139 -15.91 30.41 -6.42
C ASP B 139 -14.50 30.84 -5.89
N GLU B 140 -14.43 32.00 -5.23
CA GLU B 140 -13.13 32.59 -4.84
C GLU B 140 -12.22 31.74 -3.96
N ASN B 141 -12.81 30.77 -3.25
CA ASN B 141 -12.05 29.87 -2.34
C ASN B 141 -11.30 28.74 -3.03
N TYR B 142 -11.43 28.70 -4.37
CA TYR B 142 -10.82 27.68 -5.24
C TYR B 142 -9.90 28.34 -6.27
N VAL B 143 -9.54 29.59 -6.02
CA VAL B 143 -8.67 30.33 -6.95
C VAL B 143 -7.26 30.53 -6.32
N ILE B 144 -6.20 30.26 -7.08
CA ILE B 144 -4.87 30.38 -6.52
C ILE B 144 -4.32 31.76 -6.87
N SER B 145 -3.68 32.44 -5.91
CA SER B 145 -3.10 33.73 -6.17
C SER B 145 -1.68 33.57 -6.77
N VAL B 146 -1.38 34.32 -7.82
CA VAL B 146 -0.10 34.13 -8.54
C VAL B 146 0.63 35.48 -8.61
N ASP B 147 1.92 35.49 -8.31
CA ASP B 147 2.73 36.73 -8.38
C ASP B 147 2.62 37.37 -9.76
N LYS B 148 2.32 38.66 -9.84
CA LYS B 148 2.15 39.35 -11.12
C LYS B 148 3.37 39.35 -12.08
N ASN B 149 4.58 39.10 -11.56
CA ASN B 149 5.76 38.99 -12.44
C ASN B 149 6.21 37.57 -12.81
N ALA B 150 5.53 36.54 -12.28
CA ALA B 150 5.83 35.17 -12.66
C ALA B 150 5.56 34.92 -14.16
N PRO B 151 6.40 34.08 -14.83
CA PRO B 151 6.07 33.76 -16.26
C PRO B 151 4.80 32.88 -16.34
N LEU B 152 3.71 33.44 -16.86
CA LEU B 152 2.39 32.85 -16.68
C LEU B 152 2.18 31.57 -17.48
N GLU B 153 2.83 31.49 -18.63
CA GLU B 153 2.85 30.27 -19.45
C GLU B 153 3.50 29.09 -18.67
N LYS B 154 4.50 29.38 -17.82
CA LYS B 154 5.14 28.34 -17.00
C LYS B 154 4.38 28.01 -15.70
N VAL B 155 3.56 28.98 -15.25
CA VAL B 155 2.80 28.85 -14.02
C VAL B 155 1.67 27.83 -14.22
N ALA B 156 1.02 27.83 -15.38
CA ALA B 156 -0.21 27.07 -15.59
C ALA B 156 -0.11 25.58 -15.18
N PRO B 157 0.97 24.87 -15.58
CA PRO B 157 0.97 23.44 -15.20
C PRO B 157 1.30 23.22 -13.74
N LEU B 158 1.77 24.26 -13.03
CA LEU B 158 1.91 24.10 -11.58
C LEU B 158 0.58 23.73 -11.00
N LEU B 159 -0.54 24.19 -11.63
CA LEU B 159 -1.86 23.99 -11.04
C LEU B 159 -2.27 22.55 -10.95
N CYS B 160 -1.67 21.66 -11.76
CA CYS B 160 -1.93 20.22 -11.58
C CYS B 160 -0.69 19.37 -11.51
N ALA B 161 0.15 19.35 -12.54
CA ALA B 161 1.49 18.71 -12.43
C ALA B 161 2.31 19.11 -11.20
N GLY B 162 2.34 20.40 -10.92
CA GLY B 162 3.09 20.91 -9.75
C GLY B 162 2.53 20.38 -8.40
N ILE B 163 1.27 20.68 -8.06
CA ILE B 163 0.74 20.15 -6.78
C ILE B 163 0.75 18.61 -6.67
N THR B 164 0.44 17.90 -7.76
CA THR B 164 0.25 16.47 -7.67
C THR B 164 1.56 15.77 -7.30
N THR B 165 2.69 16.42 -7.60
CA THR B 165 3.94 15.77 -7.34
C THR B 165 4.56 16.40 -6.12
N TYR B 166 4.38 17.72 -5.93
CA TYR B 166 4.83 18.38 -4.72
C TYR B 166 4.24 17.65 -3.45
N SER B 167 2.94 17.32 -3.53
CA SER B 167 2.23 16.88 -2.32
C SER B 167 2.86 15.59 -1.70
N PRO B 168 3.07 14.53 -2.48
CA PRO B 168 3.52 13.27 -1.82
C PRO B 168 4.98 13.38 -1.44
N LEU B 169 5.72 14.23 -2.15
CA LEU B 169 7.11 14.50 -1.79
C LEU B 169 7.20 15.07 -0.35
N LYS B 170 6.33 16.02 -0.02
CA LYS B 170 6.22 16.57 1.32
C LYS B 170 5.61 15.57 2.27
N PHE B 171 4.54 14.90 1.87
CA PHE B 171 3.92 13.90 2.73
C PHE B 171 4.90 12.79 3.20
N SER B 172 5.73 12.27 2.27
CA SER B 172 6.74 11.25 2.62
C SER B 172 8.05 11.87 3.20
N LYS B 173 8.05 13.19 3.42
CA LYS B 173 9.21 13.88 4.02
C LYS B 173 10.49 13.70 3.22
N VAL B 174 10.41 13.77 1.92
CA VAL B 174 11.63 13.66 1.15
C VAL B 174 12.60 14.80 1.57
N THR B 175 13.86 14.47 1.83
CA THR B 175 14.79 15.46 2.26
C THR B 175 16.24 15.18 1.76
N LYS B 176 17.23 15.84 2.34
CA LYS B 176 18.61 15.64 1.90
C LYS B 176 19.07 14.18 1.99
N GLY B 177 19.60 13.63 0.92
CA GLY B 177 20.02 12.24 1.00
C GLY B 177 18.96 11.20 0.78
N THR B 178 17.67 11.58 0.75
CA THR B 178 16.61 10.61 0.42
C THR B 178 16.91 10.09 -0.95
N LYS B 179 16.97 8.76 -1.13
CA LYS B 179 16.95 8.24 -2.50
C LYS B 179 15.53 8.13 -3.15
N VAL B 180 15.32 8.94 -4.20
CA VAL B 180 13.99 9.11 -4.82
C VAL B 180 14.01 8.55 -6.25
N GLY B 181 13.07 7.66 -6.58
CA GLY B 181 12.84 7.26 -7.99
C GLY B 181 11.60 7.98 -8.55
N VAL B 182 11.66 8.35 -9.82
CA VAL B 182 10.55 8.93 -10.52
C VAL B 182 10.25 8.03 -11.74
N ALA B 183 9.08 7.41 -11.74
CA ALA B 183 8.73 6.54 -12.85
C ALA B 183 7.80 7.32 -13.84
N GLY B 184 8.22 7.41 -15.10
CA GLY B 184 7.47 8.18 -16.09
C GLY B 184 8.02 9.60 -16.15
N PHE B 185 8.78 9.92 -17.20
CA PHE B 185 9.50 11.19 -17.21
C PHE B 185 8.81 12.18 -18.14
N GLY B 186 7.55 12.51 -17.81
CA GLY B 186 6.72 13.34 -18.67
C GLY B 186 6.40 14.65 -17.96
N GLY B 187 5.16 15.09 -18.06
CA GLY B 187 4.74 16.35 -17.37
C GLY B 187 4.85 16.28 -15.86
N LEU B 188 4.15 15.32 -15.23
CA LEU B 188 4.29 15.15 -13.79
C LEU B 188 5.73 14.73 -13.42
N GLY B 189 6.28 13.80 -14.19
CA GLY B 189 7.61 13.26 -13.87
C GLY B 189 8.68 14.33 -13.72
N SER B 190 8.80 15.19 -14.73
CA SER B 190 9.78 16.27 -14.65
C SER B 190 9.52 17.23 -13.49
N MET B 191 8.25 17.56 -13.17
CA MET B 191 8.01 18.35 -11.91
C MET B 191 8.54 17.60 -10.65
N ALA B 192 8.26 16.29 -10.57
CA ALA B 192 8.71 15.43 -9.39
C ALA B 192 10.23 15.48 -9.30
N VAL B 193 10.88 15.29 -10.45
CA VAL B 193 12.33 15.45 -10.53
C VAL B 193 12.85 16.80 -9.99
N LYS B 194 12.28 17.92 -10.46
CA LYS B 194 12.71 19.22 -10.02
C LYS B 194 12.51 19.45 -8.53
N TYR B 195 11.34 19.11 -8.02
CA TYR B 195 11.08 19.29 -6.60
C TYR B 195 12.04 18.41 -5.80
N ALA B 196 12.17 17.12 -6.16
CA ALA B 196 13.05 16.23 -5.33
C ALA B 196 14.48 16.69 -5.33
N VAL B 197 14.99 17.14 -6.48
CA VAL B 197 16.32 17.72 -6.51
C VAL B 197 16.40 18.99 -5.64
N ALA B 198 15.45 19.91 -5.76
CA ALA B 198 15.45 21.12 -4.91
C ALA B 198 15.35 20.76 -3.42
N MET B 199 14.77 19.60 -3.09
CA MET B 199 14.62 19.15 -1.71
C MET B 199 15.85 18.42 -1.15
N GLY B 200 16.90 18.28 -1.96
CA GLY B 200 18.13 17.61 -1.53
C GLY B 200 18.20 16.12 -1.85
N ALA B 201 17.23 15.59 -2.60
CA ALA B 201 17.21 14.16 -2.91
C ALA B 201 18.25 13.76 -3.92
N GLU B 202 18.58 12.47 -3.89
CA GLU B 202 19.39 11.88 -4.90
C GLU B 202 18.36 11.19 -5.82
N VAL B 203 18.29 11.62 -7.09
CA VAL B 203 17.14 11.27 -7.92
C VAL B 203 17.46 10.29 -9.03
N SER B 204 16.65 9.24 -9.14
CA SER B 204 16.79 8.30 -10.26
C SER B 204 15.52 8.45 -11.12
N VAL B 205 15.67 8.39 -12.44
CA VAL B 205 14.50 8.47 -13.31
C VAL B 205 14.31 7.13 -14.07
N PHE B 206 13.06 6.74 -14.25
CA PHE B 206 12.79 5.50 -15.04
C PHE B 206 11.94 5.93 -16.17
N ALA B 207 12.43 5.75 -17.39
CA ALA B 207 11.69 6.14 -18.63
C ALA B 207 11.64 4.88 -19.52
N ARG B 208 11.19 4.98 -20.80
CA ARG B 208 11.17 3.82 -21.68
C ARG B 208 12.27 3.88 -22.74
N ASN B 209 12.95 5.02 -22.86
CA ASN B 209 14.14 5.05 -23.72
C ASN B 209 15.00 6.20 -23.23
N GLU B 210 16.05 6.52 -23.97
CA GLU B 210 16.99 7.54 -23.54
C GLU B 210 16.83 8.85 -24.28
N HIS B 211 15.67 9.07 -24.91
CA HIS B 211 15.49 10.30 -25.67
C HIS B 211 15.64 11.59 -24.85
N LYS B 212 15.30 11.54 -23.57
CA LYS B 212 15.40 12.72 -22.70
C LYS B 212 16.43 12.58 -21.57
N LYS B 213 17.34 11.62 -21.70
CA LYS B 213 18.36 11.43 -20.66
C LYS B 213 19.17 12.72 -20.39
N GLN B 214 19.61 13.41 -21.44
CA GLN B 214 20.31 14.69 -21.29
C GLN B 214 19.50 15.73 -20.55
N ASP B 215 18.20 15.81 -20.81
CA ASP B 215 17.39 16.74 -19.99
C ASP B 215 17.36 16.27 -18.52
N ALA B 216 17.32 14.97 -18.29
CA ALA B 216 17.36 14.45 -16.90
C ALA B 216 18.65 14.91 -16.22
N LEU B 217 19.77 14.67 -16.89
CA LEU B 217 21.08 15.03 -16.34
C LEU B 217 21.15 16.51 -16.07
N SER B 218 20.59 17.27 -16.98
CA SER B 218 20.61 18.71 -16.85
C SER B 218 19.78 19.15 -15.61
N MET B 219 18.75 18.38 -15.29
CA MET B 219 17.97 18.62 -14.07
C MET B 219 18.65 18.16 -12.74
N GLY B 220 19.81 17.51 -12.82
CA GLY B 220 20.50 17.07 -11.63
C GLY B 220 20.22 15.58 -11.26
N VAL B 221 19.60 14.83 -12.16
CA VAL B 221 19.31 13.41 -11.94
C VAL B 221 20.61 12.65 -11.91
N LYS B 222 20.71 11.72 -10.96
CA LYS B 222 21.95 11.00 -10.78
C LYS B 222 21.96 9.64 -11.54
N HIS B 223 20.81 9.00 -11.67
CA HIS B 223 20.73 7.75 -12.44
C HIS B 223 19.54 7.79 -13.37
N PHE B 224 19.75 7.29 -14.59
CA PHE B 224 18.70 7.26 -15.57
C PHE B 224 18.54 5.81 -15.98
N TYR B 225 17.35 5.24 -15.85
CA TYR B 225 17.12 3.86 -16.31
C TYR B 225 16.05 3.79 -17.39
N THR B 226 16.17 2.79 -18.27
CA THR B 226 15.11 2.56 -19.26
C THR B 226 14.29 1.29 -18.90
N ASP B 227 14.57 0.71 -17.73
CA ASP B 227 13.82 -0.44 -17.29
C ASP B 227 14.07 -0.52 -15.82
N PRO B 228 13.01 -0.76 -15.03
CA PRO B 228 13.25 -0.84 -13.59
C PRO B 228 14.26 -1.90 -13.20
N LYS B 229 14.45 -2.94 -14.01
CA LYS B 229 15.35 -4.03 -13.60
C LYS B 229 16.81 -3.59 -13.59
N GLN B 230 17.09 -2.48 -14.28
CA GLN B 230 18.46 -1.93 -14.30
C GLN B 230 18.82 -1.29 -12.98
N CYS B 231 17.86 -1.02 -12.11
CA CYS B 231 18.22 -0.32 -10.89
C CYS B 231 18.73 -1.32 -9.87
N LYS B 232 19.98 -1.19 -9.46
CA LYS B 232 20.57 -2.21 -8.61
C LYS B 232 20.64 -1.77 -7.15
N GLU B 233 19.88 -0.76 -6.79
CA GLU B 233 20.06 -0.05 -5.54
C GLU B 233 18.70 -0.02 -4.84
N GLU B 234 18.64 0.02 -3.53
CA GLU B 234 17.36 0.25 -2.86
C GLU B 234 17.01 1.74 -2.74
N LEU B 235 15.78 2.12 -3.08
CA LEU B 235 15.37 3.51 -2.99
C LEU B 235 14.51 3.72 -1.76
N ASP B 236 14.46 4.93 -1.25
CA ASP B 236 13.66 5.25 -0.07
C ASP B 236 12.24 5.66 -0.46
N PHE B 237 12.11 6.22 -1.65
CA PHE B 237 10.89 6.78 -2.08
C PHE B 237 10.80 6.71 -3.60
N ILE B 238 9.65 6.27 -4.11
CA ILE B 238 9.39 6.23 -5.55
C ILE B 238 8.02 6.86 -5.80
N ILE B 239 7.96 7.78 -6.78
CA ILE B 239 6.64 8.28 -7.23
C ILE B 239 6.42 7.78 -8.64
N SER B 240 5.31 7.07 -8.85
CA SER B 240 5.00 6.53 -10.17
C SER B 240 3.94 7.39 -10.87
N THR B 241 4.32 7.99 -12.00
CA THR B 241 3.41 8.80 -12.77
C THR B 241 3.00 8.06 -14.04
N ILE B 242 3.32 6.76 -14.13
CA ILE B 242 3.14 6.01 -15.38
C ILE B 242 1.64 5.91 -15.80
N PRO B 243 1.29 6.32 -17.05
CA PRO B 243 -0.13 6.31 -17.49
C PRO B 243 -0.50 5.13 -18.42
N THR B 244 0.44 4.19 -18.63
CA THR B 244 0.20 3.00 -19.46
C THR B 244 0.36 1.71 -18.55
N HIS B 245 0.14 0.54 -19.14
CA HIS B 245 0.22 -0.71 -18.39
C HIS B 245 1.63 -0.95 -17.85
N TYR B 246 1.71 -1.41 -16.60
CA TYR B 246 2.95 -1.85 -16.02
C TYR B 246 2.65 -2.73 -14.81
N ASP B 247 3.70 -3.24 -14.20
CA ASP B 247 3.56 -4.14 -13.09
C ASP B 247 4.05 -3.38 -11.85
N LEU B 248 3.14 -3.04 -10.94
CA LEU B 248 3.56 -2.37 -9.72
C LEU B 248 4.71 -3.15 -8.99
N LYS B 249 4.76 -4.50 -9.07
CA LYS B 249 5.83 -5.21 -8.33
C LYS B 249 7.22 -4.83 -8.74
N ASP B 250 7.41 -4.47 -10.01
CA ASP B 250 8.73 -4.12 -10.55
C ASP B 250 9.28 -2.91 -9.82
N TYR B 251 8.41 -2.01 -9.38
CA TYR B 251 8.78 -0.83 -8.54
C TYR B 251 8.79 -1.09 -7.06
N LEU B 252 7.79 -1.80 -6.55
CA LEU B 252 7.69 -2.04 -5.12
C LEU B 252 8.93 -2.81 -4.66
N LYS B 253 9.39 -3.79 -5.42
CA LYS B 253 10.59 -4.50 -5.05
C LYS B 253 11.85 -3.59 -4.99
N LEU B 254 11.84 -2.40 -5.58
CA LEU B 254 13.06 -1.55 -5.52
C LEU B 254 13.24 -0.84 -4.17
N LEU B 255 12.17 -0.85 -3.35
CA LEU B 255 12.18 -0.03 -2.13
C LEU B 255 12.97 -0.69 -1.02
N THR B 256 13.60 0.17 -0.24
CA THR B 256 14.23 -0.31 0.95
C THR B 256 13.17 -0.63 2.04
N TYR B 257 13.60 -1.32 3.10
CA TYR B 257 12.77 -1.55 4.30
C TYR B 257 12.20 -0.20 4.77
N ASN B 258 10.89 -0.11 5.02
CA ASN B 258 10.21 1.13 5.38
C ASN B 258 10.19 2.25 4.32
N GLY B 259 10.58 1.95 3.09
CA GLY B 259 10.41 2.86 1.95
C GLY B 259 8.94 3.05 1.50
N ASP B 260 8.69 4.13 0.77
CA ASP B 260 7.32 4.47 0.27
C ASP B 260 7.25 4.43 -1.26
N LEU B 261 6.16 3.89 -1.81
CA LEU B 261 5.84 4.01 -3.23
C LEU B 261 4.54 4.80 -3.30
N ALA B 262 4.62 6.00 -3.88
CA ALA B 262 3.52 6.89 -3.99
C ALA B 262 3.04 6.76 -5.45
N LEU B 263 1.74 6.53 -5.62
CA LEU B 263 1.13 6.31 -6.93
C LEU B 263 0.32 7.55 -7.26
N VAL B 264 0.66 8.20 -8.37
CA VAL B 264 -0.22 9.24 -8.93
C VAL B 264 -0.71 8.95 -10.33
N GLY B 265 0.05 8.16 -11.10
CA GLY B 265 -0.33 7.86 -12.47
C GLY B 265 -1.56 6.95 -12.61
N LEU B 266 -2.33 7.18 -13.66
CA LEU B 266 -3.69 6.60 -13.72
C LEU B 266 -3.95 5.98 -15.10
N PRO B 267 -3.42 4.76 -15.33
CA PRO B 267 -3.58 4.20 -16.69
C PRO B 267 -5.03 3.88 -17.00
N PRO B 268 -5.33 3.54 -18.26
CA PRO B 268 -6.76 3.23 -18.55
C PRO B 268 -7.16 2.07 -17.65
N VAL B 269 -8.43 2.04 -17.24
CA VAL B 269 -8.87 1.13 -16.20
C VAL B 269 -8.69 -0.29 -16.63
N GLU B 270 -8.86 -0.58 -17.91
CA GLU B 270 -8.77 -1.98 -18.28
C GLU B 270 -7.34 -2.53 -18.19
N VAL B 271 -6.30 -1.68 -18.15
CA VAL B 271 -4.91 -2.16 -18.06
C VAL B 271 -4.21 -1.71 -16.77
N ALA B 272 -4.92 -1.03 -15.89
CA ALA B 272 -4.29 -0.47 -14.68
C ALA B 272 -3.88 -1.56 -13.68
N PRO B 273 -2.68 -1.41 -13.07
CA PRO B 273 -2.14 -2.57 -12.32
C PRO B 273 -2.74 -2.66 -10.93
N VAL B 274 -2.75 -3.85 -10.37
CA VAL B 274 -3.15 -4.02 -9.00
C VAL B 274 -2.01 -4.69 -8.15
N LEU B 275 -2.17 -4.70 -6.82
CA LEU B 275 -1.33 -5.49 -5.97
C LEU B 275 -2.24 -6.34 -5.09
N SER B 276 -1.98 -7.62 -4.99
CA SER B 276 -2.73 -8.50 -4.11
C SER B 276 -2.08 -8.58 -2.74
N VAL B 277 -2.81 -9.12 -1.77
CA VAL B 277 -2.21 -9.44 -0.45
C VAL B 277 -0.89 -10.24 -0.53
N PHE B 278 -0.82 -11.21 -1.46
CA PHE B 278 0.39 -12.04 -1.66
C PHE B 278 1.55 -11.17 -2.11
N ASP B 279 1.31 -10.21 -3.01
CA ASP B 279 2.35 -9.29 -3.43
C ASP B 279 2.87 -8.46 -2.28
N PHE B 280 1.98 -7.90 -1.44
CA PHE B 280 2.46 -7.09 -0.31
C PHE B 280 3.31 -7.89 0.69
N ILE B 281 2.86 -9.10 1.00
CA ILE B 281 3.53 -9.92 1.99
C ILE B 281 4.86 -10.43 1.44
N HIS B 282 4.89 -10.75 0.15
CA HIS B 282 6.15 -11.22 -0.41
C HIS B 282 7.18 -10.09 -0.38
N LEU B 283 6.72 -8.87 -0.65
CA LEU B 283 7.63 -7.73 -0.68
C LEU B 283 7.41 -6.91 0.57
N GLY B 284 7.61 -7.53 1.73
CA GLY B 284 7.08 -6.95 2.94
C GLY B 284 7.81 -5.69 3.42
N ASN B 285 7.11 -4.91 4.27
CA ASN B 285 7.68 -3.72 4.95
C ASN B 285 7.99 -2.61 3.97
N ARG B 286 7.30 -2.61 2.83
CA ARG B 286 7.48 -1.57 1.84
C ARG B 286 6.10 -1.00 1.61
N LYS B 287 5.96 0.30 1.88
CA LYS B 287 4.60 0.86 1.98
C LYS B 287 4.14 1.46 0.65
N VAL B 288 2.86 1.36 0.34
CA VAL B 288 2.32 1.90 -0.91
C VAL B 288 1.17 2.87 -0.54
N TYR B 289 1.07 4.02 -1.16
CA TYR B 289 -0.16 4.80 -0.99
C TYR B 289 -0.43 5.52 -2.28
N GLY B 290 -1.66 6.04 -2.42
CA GLY B 290 -1.99 6.87 -3.57
C GLY B 290 -2.02 8.33 -3.17
N SER B 291 -1.96 9.23 -4.14
CA SER B 291 -2.09 10.68 -3.87
C SER B 291 -2.94 11.29 -5.00
N LEU B 292 -3.90 12.13 -4.63
CA LEU B 292 -4.81 12.78 -5.53
C LEU B 292 -4.59 14.29 -5.44
N ILE B 293 -4.00 14.87 -6.49
CA ILE B 293 -3.89 16.32 -6.63
C ILE B 293 -3.37 16.93 -5.32
N GLY B 294 -4.12 17.90 -4.77
CA GLY B 294 -3.85 18.45 -3.45
C GLY B 294 -4.99 19.38 -3.13
N GLY B 295 -5.07 19.77 -1.89
CA GLY B 295 -6.01 20.80 -1.46
C GLY B 295 -5.67 22.20 -1.91
N ILE B 296 -6.64 23.12 -1.78
CA ILE B 296 -6.41 24.53 -2.15
C ILE B 296 -5.22 25.16 -1.39
N LYS B 297 -5.26 25.02 -0.08
CA LYS B 297 -4.19 25.49 0.75
C LYS B 297 -2.81 25.01 0.31
N GLU B 298 -2.65 23.69 0.07
CA GLU B 298 -1.32 23.20 -0.22
C GLU B 298 -0.98 23.63 -1.65
N THR B 299 -1.99 23.71 -2.53
CA THR B 299 -1.75 24.24 -3.89
C THR B 299 -1.16 25.68 -3.86
N GLN B 300 -1.74 26.55 -2.99
CA GLN B 300 -1.20 27.89 -2.79
C GLN B 300 0.25 27.81 -2.25
N GLU B 301 0.48 26.98 -1.24
CA GLU B 301 1.81 26.85 -0.73
C GLU B 301 2.79 26.42 -1.84
N MET B 302 2.36 25.49 -2.68
CA MET B 302 3.24 24.94 -3.75
C MET B 302 3.54 26.01 -4.82
N VAL B 303 2.51 26.72 -5.25
CA VAL B 303 2.77 27.80 -6.23
C VAL B 303 3.71 28.86 -5.65
N ASP B 304 3.50 29.23 -4.39
CA ASP B 304 4.37 30.24 -3.75
C ASP B 304 5.83 29.75 -3.74
N PHE B 305 6.02 28.46 -3.37
CA PHE B 305 7.33 27.86 -3.26
C PHE B 305 8.00 27.88 -4.64
N SER B 306 7.22 27.49 -5.66
CA SER B 306 7.76 27.26 -6.98
C SER B 306 8.18 28.59 -7.57
N ILE B 307 7.42 29.62 -7.28
CA ILE B 307 7.76 30.90 -7.86
C ILE B 307 8.98 31.45 -7.13
N LYS B 308 8.98 31.32 -5.82
CA LYS B 308 10.12 31.74 -5.02
C LYS B 308 11.46 31.12 -5.46
N HIS B 309 11.48 29.80 -5.67
CA HIS B 309 12.74 29.12 -6.00
C HIS B 309 12.93 28.95 -7.51
N ASN B 310 12.05 29.58 -8.30
CA ASN B 310 12.17 29.46 -9.76
C ASN B 310 12.20 28.00 -10.24
N ILE B 311 11.25 27.22 -9.76
CA ILE B 311 11.06 25.86 -10.17
C ILE B 311 9.80 25.80 -11.04
N TYR B 312 10.00 25.65 -12.36
CA TYR B 312 8.94 25.65 -13.31
C TYR B 312 8.98 24.45 -14.25
N PRO B 313 7.78 23.98 -14.70
CA PRO B 313 7.74 22.99 -15.81
C PRO B 313 8.46 23.46 -17.07
N GLU B 314 8.97 22.48 -17.76
CA GLU B 314 9.51 22.60 -19.12
C GLU B 314 8.27 22.55 -20.03
N ILE B 315 8.05 23.61 -20.78
CA ILE B 315 6.81 23.68 -21.56
C ILE B 315 7.13 23.97 -23.00
N ASP B 316 6.19 23.56 -23.85
CA ASP B 316 6.17 23.92 -25.24
C ASP B 316 4.82 24.58 -25.55
N LEU B 317 4.87 25.81 -26.02
CA LEU B 317 3.70 26.63 -26.33
C LEU B 317 3.08 26.25 -27.65
N ILE B 318 1.80 25.97 -27.64
CA ILE B 318 1.06 25.65 -28.84
C ILE B 318 -0.25 26.45 -28.88
N LEU B 319 -1.04 26.22 -29.94
CA LEU B 319 -2.36 26.84 -30.08
C LEU B 319 -3.47 25.80 -29.93
N GLY B 320 -4.71 26.26 -29.71
CA GLY B 320 -5.86 25.35 -29.51
C GLY B 320 -6.02 24.39 -30.67
N LYS B 321 -5.72 24.86 -31.88
CA LYS B 321 -5.85 24.00 -33.04
C LYS B 321 -4.79 22.90 -33.04
N ASP B 322 -3.81 22.91 -32.14
CA ASP B 322 -2.78 21.85 -32.17
C ASP B 322 -3.15 20.75 -31.20
N ILE B 323 -4.30 20.88 -30.51
CA ILE B 323 -4.60 19.95 -29.40
C ILE B 323 -4.53 18.46 -29.83
N ASP B 324 -5.15 18.14 -30.97
CA ASP B 324 -5.14 16.81 -31.47
C ASP B 324 -3.74 16.29 -31.74
N THR B 325 -2.88 17.12 -32.33
CA THR B 325 -1.48 16.79 -32.46
C THR B 325 -0.78 16.56 -31.13
N ALA B 326 -0.97 17.44 -30.16
CA ALA B 326 -0.41 17.23 -28.80
C ALA B 326 -0.82 15.85 -28.21
N TYR B 327 -2.13 15.52 -28.27
CA TYR B 327 -2.66 14.26 -27.73
C TYR B 327 -2.04 13.06 -28.48
N HIS B 328 -1.96 13.14 -29.80
CA HIS B 328 -1.25 12.09 -30.53
C HIS B 328 0.18 11.89 -29.96
N ASN B 329 0.92 12.99 -29.86
CA ASN B 329 2.31 12.94 -29.43
C ASN B 329 2.43 12.34 -28.06
N LEU B 330 1.49 12.73 -27.19
CA LEU B 330 1.46 12.25 -25.81
C LEU B 330 1.10 10.78 -25.69
N THR B 331 0.44 10.23 -26.70
CA THR B 331 0.04 8.81 -26.64
C THR B 331 0.89 7.95 -27.58
N HIS B 332 1.87 8.54 -28.27
CA HIS B 332 2.68 7.75 -29.17
C HIS B 332 4.16 7.96 -28.93
N GLY B 333 4.52 8.28 -27.69
CA GLY B 333 5.90 8.42 -27.31
C GLY B 333 6.64 9.52 -28.01
N LYS B 334 5.95 10.61 -28.40
CA LYS B 334 6.62 11.68 -29.13
C LYS B 334 6.69 12.99 -28.34
N ALA B 335 6.27 13.04 -27.08
CA ALA B 335 6.10 14.33 -26.41
C ALA B 335 7.40 14.66 -25.68
N LYS B 336 7.52 15.90 -25.18
CA LYS B 336 8.73 16.24 -24.45
C LYS B 336 8.33 16.30 -22.96
N PHE B 337 7.84 17.46 -22.51
CA PHE B 337 7.33 17.57 -21.16
C PHE B 337 5.89 18.07 -21.20
N ARG B 338 5.64 19.33 -20.83
CA ARG B 338 4.27 19.86 -20.89
C ARG B 338 4.06 20.63 -22.17
N TYR B 339 2.88 20.45 -22.78
CA TYR B 339 2.33 21.40 -23.79
C TYR B 339 1.46 22.44 -23.09
N VAL B 340 1.57 23.69 -23.54
CA VAL B 340 0.74 24.74 -22.98
C VAL B 340 0.08 25.54 -24.10
N ILE B 341 -1.25 25.73 -24.01
CA ILE B 341 -1.98 26.44 -25.06
C ILE B 341 -1.98 27.93 -24.79
N ASP B 342 -1.59 28.70 -25.78
CA ASP B 342 -1.62 30.13 -25.64
C ASP B 342 -3.03 30.57 -26.07
N MET B 343 -3.87 30.77 -25.05
CA MET B 343 -5.28 30.95 -25.29
C MET B 343 -5.64 32.27 -25.98
N LYS B 344 -4.98 33.35 -25.59
CA LYS B 344 -5.16 34.59 -26.32
C LYS B 344 -4.93 34.44 -27.81
N LYS B 345 -3.83 33.80 -28.20
CA LYS B 345 -3.55 33.73 -29.65
C LYS B 345 -4.50 32.76 -30.35
N SER B 346 -4.97 31.77 -29.63
CA SER B 346 -5.90 30.83 -30.19
C SER B 346 -7.18 31.52 -30.53
N PHE B 347 -7.54 32.56 -29.78
CA PHE B 347 -8.80 33.26 -30.07
C PHE B 347 -8.74 34.59 -30.74
N ASP B 348 -7.71 34.87 -31.51
CA ASP B 348 -7.68 36.06 -32.40
C ASP B 348 -8.81 36.22 -33.43
#